data_5F0O
#
_entry.id   5F0O
#
_cell.length_a   235.400
_cell.length_b   235.400
_cell.length_c   94.290
_cell.angle_alpha   90.000
_cell.angle_beta   90.000
_cell.angle_gamma   120.000
#
_symmetry.space_group_name_H-M   'H 3'
#
loop_
_entity.id
_entity.type
_entity.pdbx_description
1 polymer 'cohesin subunit Pds5, KLTH0D07062p,KLTH0D07062p,KLTH0D07062p,cohesin subunit Pds5, KLTH0D07062p,KLTH0D07062p,KLTH0D07062p,cohesin subunit Pds5, KLTH0D07062p,KLTH0D07062p,KLTH0D07062p,cohesin subunit Pds5, KLTH0D07062p,KLTH0D07062p'
2 polymer KLTH0G16610p
#
loop_
_entity_poly.entity_id
_entity_poly.type
_entity_poly.pdbx_seq_one_letter_code
_entity_poly.pdbx_strand_id
1 'polypeptide(L)'
;(UNK)(UNK)(UNK)(UNK)(UNK)(UNK)(UNK)(UNK)(UNK)(UNK)(UNK)(UNK)(UNK)(UNK)(UNK)(UNK)
(UNK)(UNK)(UNK)(UNK)(UNK)(UNK)(UNK)(UNK)(UNK)(UNK)(UNK)(UNK)(UNK)(UNK)(UNK)(UNK)
(UNK)(UNK)(UNK)(UNK)(UNK)(UNK)(UNK)(UNK)(UNK)(UNK)(UNK)(UNK)(UNK)LERYRADLIDRKILR
NKDHGVRAFAACCLSDILRLYAPDAPYTDKELTEIFRLFLAQLKLLQEPENGYLTQQTYLINNLLEYRSIVILTDLPSSS
QLVEELFNIFYSPTNSTIQGNMFTAIGGILGEVISECDSLPMSALKMVFNKFLSHKRAESLDGINYKKDPGFEISLIICQ
TYSNRLGRHFIKFYSEIMYEVLGESDIHEKGIASSAYKTLVKIGNLTSELWKYAPELVGSVTGLLYQLLCSDNELFRESA
TKCVSKMLGTHSLINFAVAHSDTYKIWLSKMADISPHVRQAWVSEIPSILMSRSDLSDDISKGLAKALIDSDHTVRLSAI
QTFHEVPVKRLWECLPNAAVFAGLVHLTRETRRDLRDECIDAVARIYTESIESIPKTNENKEIWGVVETIPSACFNLYYI
NDLEINMKVDLLTFEKFLPLGLSNEEFVQRLLTLLQGFNEKAFSSFYAFNRRQDQMSTVLWKFIEFCEETNSQSPAASLS
DTKLIKTVEWISSGFPSHLNVEQILLAFRELNDRRLYRLIKVAVAETSKHLTVRNAVSELFKRLEEPELFRKKNIKIESR
FTRDNFSTVFRVLIYRAAPIIFNISNLPSFLNTSDSSNEDEKALKRQLIDNISIIKPGIFKDQVKNLVTIITEGETTGPG
NTLSLAEAMRTVYKISKDKREHLDIEENTFFFQKLEDYAKEGNPLEAKYAIKLLGLAPNAAEYLSEVATAILPLDLKSKH
FASNVLVLAEITKMQPQLLEKDSTEIVGLLIKDVLLSNDVVGDEDDQQAWFSDEDIYTGKADALSAKVFSLKLFANKIKV
MAPDAHADEMTHAFTERTLKLFFYLVASGGELVSESNTDNYPTPANYQNKLRCCAGLHILKITKIASLSRFIKPQDISKL
MNLVEDESLEVRSSFIGRLKDFLGDGSISIKFLPLVFFTAYEPDQALRTSTKMWINYTLSKENFRKGTFFERALPRLIHF
IAHHPDVAEGLRLRETAFLTGLTTAIDYLVFYADSVLKASNLALLYYLAGRVRQY(UNK)(UNK)(UNK)(UNK)(UNK)
(UNK)(UNK)(UNK)(UNK)(UNK)(UNK)(UNK)(UNK)(UNK)(UNK)(UNK)(UNK)(UNK)(UNK)(UNK)(UNK)
(UNK)(UNK)(UNK)(UNK)(UNK)(UNK)(UNK)(UNK)(UNK)(UNK)(UNK)(UNK)(UNK)(UNK)(UNK)(UNK)
(UNK)(UNK)(UNK)(UNK)(UNK)(UNK)(UNK)(UNK)(UNK)(UNK)(UNK)(UNK)(UNK)(UNK)(UNK)(UNK)
(UNK)(UNK)(UNK)(UNK)(UNK)
;
A
2 'polypeptide(L)' LTNPSQYLLQDAVTEREVLLVP E
#
# COMPACT_ATOMS: atom_id res chain seq x y z
N UNK A 29 -59.82 -69.84 -3.60
CA UNK A 29 -58.88 -68.73 -3.80
C UNK A 29 -58.73 -67.88 -2.53
N UNK A 30 -59.84 -67.31 -2.08
CA UNK A 30 -59.86 -66.51 -0.85
C UNK A 30 -59.73 -67.39 0.40
N UNK A 31 -59.48 -68.68 0.17
CA UNK A 31 -59.30 -69.64 1.25
C UNK A 31 -57.91 -69.48 1.87
N UNK A 32 -56.87 -69.61 1.06
CA UNK A 32 -55.50 -69.49 1.55
C UNK A 32 -55.16 -68.05 1.96
N UNK A 33 -56.08 -67.12 1.70
CA UNK A 33 -55.92 -65.73 2.09
C UNK A 33 -56.47 -65.50 3.50
N UNK A 34 -57.72 -65.88 3.71
CA UNK A 34 -58.35 -65.78 5.03
C UNK A 34 -57.63 -66.67 6.03
N UNK A 35 -56.90 -67.68 5.52
CA UNK A 35 -56.19 -68.64 6.35
C UNK A 35 -54.84 -68.11 6.84
N UNK A 36 -53.92 -67.89 5.91
CA UNK A 36 -52.56 -67.44 6.25
C UNK A 36 -52.60 -66.15 7.08
N UNK A 37 -53.70 -65.42 6.96
CA UNK A 37 -53.95 -64.22 7.77
C UNK A 37 -54.00 -64.58 9.26
N UNK A 38 -54.59 -65.73 9.55
CA UNK A 38 -54.71 -66.19 10.93
C UNK A 38 -53.40 -66.81 11.43
N UNK A 39 -52.67 -67.47 10.54
CA UNK A 39 -51.43 -68.15 10.91
C UNK A 39 -50.32 -67.15 11.22
N UNK A 40 -50.56 -65.89 10.86
CA UNK A 40 -49.60 -64.84 11.13
C UNK A 40 -49.72 -64.38 12.58
N UNK A 41 -50.94 -64.02 12.97
CA UNK A 41 -51.22 -63.54 14.31
C UNK A 41 -50.89 -64.59 15.37
N UNK A 42 -51.03 -65.86 14.99
CA UNK A 42 -50.71 -66.97 15.87
C UNK A 42 -49.21 -67.03 16.15
N UNK A 43 -48.43 -67.27 15.10
CA UNK A 43 -46.98 -67.42 15.21
C UNK A 43 -46.30 -66.18 15.81
N UNK A 44 -46.97 -65.02 15.68
CA UNK A 44 -46.45 -63.76 16.21
C UNK A 44 -46.23 -63.78 17.71
N UNK A 45 -47.21 -64.31 18.44
CA UNK A 45 -47.08 -64.47 19.88
C UNK A 45 -46.16 -65.64 20.22
N LEU A 46 -46.54 -77.31 14.59
CA LEU A 46 -45.99 -76.03 14.16
C LEU A 46 -44.73 -76.25 13.33
N GLU A 47 -43.96 -77.30 13.65
CA GLU A 47 -42.86 -77.71 12.80
C GLU A 47 -43.34 -78.35 11.49
N ARG A 48 -44.65 -78.43 11.31
CA ARG A 48 -45.26 -78.91 10.06
C ARG A 48 -45.39 -77.77 9.05
N TYR A 49 -45.96 -76.64 9.46
CA TYR A 49 -46.02 -75.47 8.59
C TYR A 49 -44.63 -74.89 8.36
N ARG A 50 -43.61 -75.52 8.94
CA ARG A 50 -42.21 -75.12 8.80
C ARG A 50 -41.76 -75.16 7.34
N ALA A 51 -41.62 -76.36 6.79
CA ALA A 51 -41.20 -76.54 5.41
C ALA A 51 -42.33 -76.30 4.40
N ASP A 52 -43.54 -76.01 4.87
CA ASP A 52 -44.68 -75.89 3.97
C ASP A 52 -44.64 -74.61 3.13
N LEU A 53 -44.09 -73.53 3.68
CA LEU A 53 -44.20 -72.20 3.07
C LEU A 53 -43.14 -71.93 2.00
N ILE A 54 -42.32 -72.90 1.62
CA ILE A 54 -41.20 -72.62 0.71
C ILE A 54 -41.50 -73.02 -0.74
N ASP A 55 -42.41 -73.95 -0.97
CA ASP A 55 -42.70 -74.36 -2.34
C ASP A 55 -43.47 -73.26 -3.08
N ARG A 56 -43.14 -73.11 -4.37
CA ARG A 56 -43.59 -72.04 -5.27
C ARG A 56 -44.93 -71.40 -4.95
N LYS A 57 -45.90 -72.20 -4.48
CA LYS A 57 -47.29 -71.73 -4.44
C LYS A 57 -47.47 -70.52 -3.52
N ILE A 58 -46.76 -70.50 -2.38
CA ILE A 58 -46.83 -69.36 -1.46
C ILE A 58 -45.81 -68.28 -1.80
N LEU A 59 -44.81 -68.59 -2.61
CA LEU A 59 -43.82 -67.60 -3.05
C LEU A 59 -44.08 -67.09 -4.46
N ARG A 60 -45.24 -67.42 -5.04
CA ARG A 60 -45.66 -66.86 -6.32
C ARG A 60 -47.08 -66.31 -6.20
N ASN A 61 -48.06 -67.21 -6.07
CA ASN A 61 -49.47 -66.89 -5.92
C ASN A 61 -49.97 -66.06 -7.11
N LYS A 62 -51.18 -65.50 -7.00
CA LYS A 62 -51.83 -64.83 -8.12
C LYS A 62 -52.04 -63.34 -7.91
N ASP A 63 -52.70 -62.94 -6.84
CA ASP A 63 -53.13 -61.55 -6.72
C ASP A 63 -53.23 -61.13 -5.26
N HIS A 64 -53.27 -59.80 -5.06
CA HIS A 64 -53.50 -59.14 -3.78
C HIS A 64 -52.78 -59.76 -2.59
N GLY A 65 -53.45 -59.79 -1.43
CA GLY A 65 -52.79 -59.95 -0.15
C GLY A 65 -52.24 -61.33 0.15
N VAL A 66 -52.29 -62.28 -0.78
CA VAL A 66 -51.79 -63.62 -0.48
C VAL A 66 -50.29 -63.73 -0.70
N ARG A 67 -49.75 -63.04 -1.71
CA ARG A 67 -48.31 -63.01 -1.93
C ARG A 67 -47.56 -62.29 -0.82
N ALA A 68 -48.26 -61.66 0.12
CA ALA A 68 -47.69 -60.87 1.20
C ALA A 68 -47.97 -61.43 2.59
N PHE A 69 -49.18 -61.94 2.82
CA PHE A 69 -49.63 -62.22 4.18
C PHE A 69 -48.92 -63.42 4.79
N ALA A 70 -48.40 -64.33 3.97
CA ALA A 70 -47.59 -65.44 4.46
C ALA A 70 -46.10 -65.17 4.30
N ALA A 71 -45.72 -64.00 3.78
CA ALA A 71 -44.34 -63.54 3.89
C ALA A 71 -44.05 -62.94 5.26
N CYS A 72 -45.09 -62.55 5.99
CA CYS A 72 -44.95 -62.08 7.37
C CYS A 72 -44.74 -63.26 8.32
N CYS A 73 -45.62 -64.26 8.24
CA CYS A 73 -45.35 -65.52 8.93
C CYS A 73 -43.97 -66.05 8.58
N LEU A 74 -43.55 -65.82 7.32
CA LEU A 74 -42.29 -66.40 6.84
C LEU A 74 -41.09 -65.70 7.45
N SER A 75 -41.14 -64.36 7.57
CA SER A 75 -40.13 -63.64 8.34
C SER A 75 -40.32 -63.83 9.84
N ASP A 76 -41.47 -64.36 10.26
CA ASP A 76 -41.73 -64.66 11.65
C ASP A 76 -41.14 -66.01 12.08
N ILE A 77 -40.82 -66.88 11.13
CA ILE A 77 -40.49 -68.28 11.42
C ILE A 77 -38.98 -68.49 11.41
N LEU A 78 -38.27 -67.77 10.53
CA LEU A 78 -36.82 -67.66 10.70
C LEU A 78 -36.50 -66.96 12.01
N ARG A 79 -37.24 -65.89 12.31
CA ARG A 79 -37.08 -65.18 13.57
C ARG A 79 -37.27 -66.09 14.77
N LEU A 80 -38.30 -66.94 14.72
CA LEU A 80 -38.70 -67.73 15.90
C LEU A 80 -37.53 -68.55 16.43
N TYR A 81 -36.96 -68.07 17.54
CA TYR A 81 -35.75 -68.53 18.21
C TYR A 81 -35.06 -69.67 17.48
N ALA A 82 -34.44 -69.35 16.35
CA ALA A 82 -33.73 -70.33 15.53
C ALA A 82 -32.35 -69.79 15.20
N PRO A 83 -31.41 -69.83 16.17
CA PRO A 83 -30.01 -69.66 15.79
C PRO A 83 -29.57 -70.71 14.79
N ASP A 84 -29.78 -71.99 15.10
CA ASP A 84 -29.81 -73.00 14.07
C ASP A 84 -30.97 -72.69 13.13
N ALA A 85 -30.76 -71.77 12.18
CA ALA A 85 -31.86 -71.16 11.46
C ALA A 85 -32.57 -72.15 10.54
N PRO A 86 -33.84 -71.91 10.23
CA PRO A 86 -34.57 -72.82 9.35
C PRO A 86 -34.18 -72.64 7.88
N TYR A 87 -34.59 -73.62 7.07
CA TYR A 87 -34.41 -73.59 5.62
C TYR A 87 -32.93 -73.61 5.22
N THR A 88 -32.67 -73.65 3.92
CA THR A 88 -31.32 -73.75 3.38
C THR A 88 -31.01 -72.54 2.52
N ASP A 89 -29.76 -72.47 2.05
CA ASP A 89 -29.28 -71.29 1.33
C ASP A 89 -30.03 -71.08 0.03
N LYS A 90 -30.43 -72.16 -0.65
CA LYS A 90 -31.20 -72.04 -1.88
C LYS A 90 -32.69 -72.04 -1.63
N GLU A 91 -33.13 -72.18 -0.38
CA GLU A 91 -34.47 -71.82 0.05
C GLU A 91 -34.54 -70.40 0.61
N LEU A 92 -33.41 -69.89 1.11
CA LEU A 92 -33.30 -68.48 1.47
C LEU A 92 -33.20 -67.58 0.25
N THR A 93 -32.72 -68.12 -0.87
CA THR A 93 -32.79 -67.40 -2.14
C THR A 93 -34.20 -67.31 -2.68
N GLU A 94 -35.13 -68.06 -2.07
CA GLU A 94 -36.55 -68.09 -2.44
C GLU A 94 -37.42 -67.18 -1.58
N ILE A 95 -37.13 -67.11 -0.27
CA ILE A 95 -37.92 -66.30 0.65
C ILE A 95 -37.47 -64.83 0.65
N PHE A 96 -36.18 -64.56 0.49
CA PHE A 96 -35.70 -63.20 0.26
C PHE A 96 -35.96 -62.71 -1.15
N ARG A 97 -36.32 -63.62 -2.06
CA ARG A 97 -36.83 -63.21 -3.37
C ARG A 97 -38.27 -62.75 -3.27
N LEU A 98 -39.01 -63.26 -2.28
CA LEU A 98 -40.33 -62.74 -1.97
C LEU A 98 -40.29 -61.62 -0.93
N PHE A 99 -39.31 -61.65 -0.02
CA PHE A 99 -39.15 -60.55 0.93
C PHE A 99 -38.92 -59.22 0.21
N LEU A 100 -38.00 -59.20 -0.76
CA LEU A 100 -37.71 -57.95 -1.46
C LEU A 100 -38.84 -57.56 -2.39
N ALA A 101 -39.56 -58.54 -2.93
CA ALA A 101 -40.68 -58.28 -3.80
C ALA A 101 -41.85 -57.75 -2.98
N GLN A 102 -41.60 -57.59 -1.67
CA GLN A 102 -42.61 -57.15 -0.73
C GLN A 102 -42.36 -55.73 -0.23
N LEU A 103 -41.18 -55.43 0.32
CA LEU A 103 -40.86 -54.06 0.71
C LEU A 103 -40.73 -53.13 -0.48
N LYS A 104 -40.69 -53.67 -1.70
CA LYS A 104 -40.62 -52.83 -2.90
C LYS A 104 -41.95 -52.12 -3.14
N LEU A 105 -43.07 -52.79 -2.88
CA LEU A 105 -44.39 -52.17 -3.00
C LEU A 105 -44.68 -51.18 -1.90
N LEU A 106 -43.72 -50.93 -1.00
CA LEU A 106 -43.87 -50.00 0.11
C LEU A 106 -43.73 -48.54 -0.31
N GLN A 107 -43.53 -48.28 -1.60
CA GLN A 107 -43.49 -46.91 -2.12
C GLN A 107 -44.88 -46.37 -2.42
N GLU A 108 -45.93 -47.04 -1.95
CA GLU A 108 -47.32 -46.67 -2.21
C GLU A 108 -48.10 -46.35 -0.94
N PRO A 109 -48.07 -47.22 0.10
CA PRO A 109 -49.14 -47.25 1.10
C PRO A 109 -50.51 -46.74 0.64
N GLU A 110 -50.95 -47.23 -0.51
CA GLU A 110 -52.36 -47.27 -0.87
C GLU A 110 -52.71 -48.56 -1.60
N ASN A 111 -51.75 -49.48 -1.79
CA ASN A 111 -52.01 -50.75 -2.46
C ASN A 111 -53.00 -51.61 -1.69
N GLY A 112 -53.10 -51.43 -0.38
CA GLY A 112 -54.03 -52.17 0.45
C GLY A 112 -53.42 -52.77 1.69
N TYR A 113 -52.38 -53.57 1.52
CA TYR A 113 -51.74 -54.30 2.62
C TYR A 113 -50.44 -53.63 3.07
N LEU A 114 -50.45 -52.30 3.16
CA LEU A 114 -49.36 -51.58 3.83
C LEU A 114 -49.14 -52.10 5.24
N THR A 115 -50.22 -52.54 5.90
CA THR A 115 -50.11 -53.02 7.28
C THR A 115 -49.23 -54.25 7.40
N GLN A 116 -49.27 -55.14 6.40
CA GLN A 116 -48.42 -56.33 6.41
C GLN A 116 -46.99 -56.04 6.01
N GLN A 117 -46.75 -54.99 5.24
CA GLN A 117 -45.41 -54.57 4.89
C GLN A 117 -44.81 -53.61 5.91
N THR A 118 -45.54 -53.31 6.99
CA THR A 118 -45.00 -52.61 8.16
C THR A 118 -44.63 -53.55 9.29
N TYR A 119 -45.41 -54.63 9.48
CA TYR A 119 -44.95 -55.72 10.34
C TYR A 119 -43.74 -56.41 9.74
N LEU A 120 -43.60 -56.36 8.40
CA LEU A 120 -42.52 -57.06 7.73
C LEU A 120 -41.17 -56.40 8.01
N ILE A 121 -41.08 -55.08 7.81
CA ILE A 121 -39.83 -54.38 8.08
C ILE A 121 -39.47 -54.46 9.56
N ASN A 122 -40.42 -54.13 10.43
CA ASN A 122 -40.13 -54.14 11.86
C ASN A 122 -39.84 -55.53 12.40
N ASN A 123 -40.23 -56.59 11.68
CA ASN A 123 -39.84 -57.95 12.04
C ASN A 123 -38.52 -58.36 11.39
N LEU A 124 -38.20 -57.81 10.21
CA LEU A 124 -36.88 -58.01 9.62
C LEU A 124 -35.81 -57.19 10.29
N LEU A 125 -36.11 -56.57 11.44
CA LEU A 125 -35.22 -55.61 12.06
C LEU A 125 -35.11 -55.81 13.57
N GLU A 126 -36.23 -56.14 14.21
CA GLU A 126 -36.22 -56.30 15.67
C GLU A 126 -35.48 -57.57 16.08
N TYR A 127 -35.45 -58.57 15.21
CA TYR A 127 -34.80 -59.85 15.51
C TYR A 127 -33.73 -60.19 14.47
N ARG A 128 -33.21 -59.16 13.80
CA ARG A 128 -32.05 -59.30 12.91
C ARG A 128 -32.32 -60.31 11.79
N SER A 129 -33.52 -60.27 11.24
CA SER A 129 -33.89 -61.21 10.18
C SER A 129 -33.32 -60.82 8.82
N ILE A 130 -32.84 -59.58 8.67
CA ILE A 130 -32.38 -59.09 7.38
C ILE A 130 -30.88 -59.26 7.18
N VAL A 131 -30.14 -59.70 8.21
CA VAL A 131 -28.75 -60.05 8.00
C VAL A 131 -28.62 -61.34 7.21
N ILE A 132 -29.65 -62.19 7.23
CA ILE A 132 -29.65 -63.44 6.47
C ILE A 132 -29.66 -63.20 4.96
N LEU A 133 -30.00 -61.98 4.53
CA LEU A 133 -30.05 -61.63 3.11
C LEU A 133 -28.67 -61.54 2.48
N THR A 134 -27.61 -61.38 3.28
CA THR A 134 -26.27 -61.21 2.74
C THR A 134 -25.51 -62.52 2.58
N ASP A 135 -25.65 -63.44 3.54
CA ASP A 135 -24.81 -64.63 3.58
C ASP A 135 -25.16 -65.64 2.48
N LEU A 136 -26.37 -65.58 1.92
CA LEU A 136 -26.82 -66.58 0.96
C LEU A 136 -26.04 -66.45 -0.35
N PRO A 137 -26.09 -67.49 -1.23
CA PRO A 137 -25.19 -67.54 -2.39
C PRO A 137 -25.21 -66.30 -3.28
N SER A 138 -26.30 -65.53 -3.24
CA SER A 138 -26.45 -64.37 -4.10
C SER A 138 -26.64 -63.12 -3.23
N SER A 139 -25.52 -62.52 -2.81
CA SER A 139 -25.52 -61.16 -2.29
C SER A 139 -25.21 -60.15 -3.40
N SER A 140 -25.46 -60.53 -4.65
CA SER A 140 -25.07 -59.75 -5.82
C SER A 140 -26.02 -58.59 -6.05
N GLN A 141 -26.96 -58.75 -6.97
CA GLN A 141 -28.03 -57.77 -7.13
C GLN A 141 -29.07 -57.85 -6.03
N LEU A 142 -28.98 -58.85 -5.15
CA LEU A 142 -29.83 -58.87 -3.96
C LEU A 142 -29.51 -57.70 -3.05
N VAL A 143 -28.27 -57.64 -2.57
CA VAL A 143 -27.79 -56.50 -1.79
C VAL A 143 -27.73 -55.24 -2.62
N GLU A 144 -27.75 -55.36 -3.95
CA GLU A 144 -27.65 -54.20 -4.83
C GLU A 144 -29.00 -53.69 -5.30
N GLU A 145 -30.05 -54.49 -5.27
CA GLU A 145 -31.40 -54.01 -5.56
C GLU A 145 -32.31 -54.02 -4.33
N LEU A 146 -31.76 -54.34 -3.16
CA LEU A 146 -32.40 -53.89 -1.92
C LEU A 146 -32.25 -52.37 -1.77
N PHE A 147 -31.15 -51.82 -2.25
CA PHE A 147 -30.96 -50.37 -2.33
C PHE A 147 -31.58 -49.76 -3.58
N ASN A 148 -32.13 -50.58 -4.48
CA ASN A 148 -32.82 -50.06 -5.65
C ASN A 148 -34.26 -49.67 -5.34
N ILE A 149 -34.85 -50.29 -4.31
CA ILE A 149 -36.23 -49.98 -3.96
C ILE A 149 -36.32 -48.64 -3.24
N PHE A 150 -35.24 -48.22 -2.57
CA PHE A 150 -35.23 -47.02 -1.75
C PHE A 150 -34.51 -45.86 -2.40
N TYR A 151 -34.17 -45.96 -3.69
CA TYR A 151 -33.44 -44.91 -4.36
C TYR A 151 -33.85 -44.71 -5.82
N SER A 152 -34.80 -45.49 -6.34
CA SER A 152 -35.28 -45.29 -7.69
C SER A 152 -35.86 -43.89 -7.84
N PRO A 153 -35.94 -43.38 -9.07
CA PRO A 153 -36.25 -41.94 -9.26
C PRO A 153 -37.53 -41.46 -8.57
N THR A 154 -38.64 -42.17 -8.72
CA THR A 154 -39.87 -41.78 -8.03
C THR A 154 -40.03 -42.51 -6.70
N ASN A 155 -38.95 -42.47 -5.89
CA ASN A 155 -39.04 -42.89 -4.49
C ASN A 155 -39.81 -41.90 -3.64
N SER A 156 -40.20 -40.76 -4.20
CA SER A 156 -40.83 -39.67 -3.45
C SER A 156 -42.28 -39.99 -3.11
N THR A 157 -42.55 -41.19 -2.60
CA THR A 157 -43.88 -41.57 -2.16
C THR A 157 -43.87 -42.50 -0.96
N ILE A 158 -42.68 -42.87 -0.45
CA ILE A 158 -42.62 -43.61 0.81
C ILE A 158 -43.21 -42.75 1.91
N GLN A 159 -44.15 -43.32 2.66
CA GLN A 159 -44.71 -42.62 3.79
C GLN A 159 -43.60 -42.33 4.81
N GLY A 160 -43.70 -41.16 5.45
CA GLY A 160 -42.61 -40.68 6.28
C GLY A 160 -42.34 -41.51 7.52
N ASN A 161 -43.37 -42.17 8.05
CA ASN A 161 -43.22 -42.93 9.29
C ASN A 161 -42.40 -44.20 9.09
N MET A 162 -41.61 -44.24 8.02
CA MET A 162 -40.84 -45.44 7.66
C MET A 162 -39.34 -45.22 7.69
N PHE A 163 -38.85 -43.98 7.75
CA PHE A 163 -37.43 -43.71 7.52
C PHE A 163 -36.54 -44.40 8.53
N THR A 164 -36.97 -44.50 9.79
CA THR A 164 -36.12 -45.07 10.83
C THR A 164 -35.89 -46.56 10.60
N ALA A 165 -36.97 -47.33 10.43
CA ALA A 165 -36.84 -48.76 10.19
C ALA A 165 -36.50 -49.09 8.74
N ILE A 166 -36.55 -48.11 7.83
CA ILE A 166 -36.04 -48.33 6.48
C ILE A 166 -34.53 -48.19 6.44
N GLY A 167 -33.98 -47.22 7.17
CA GLY A 167 -32.55 -47.10 7.29
C GLY A 167 -31.94 -48.25 8.07
N GLY A 168 -32.70 -48.81 9.01
CA GLY A 168 -32.21 -49.97 9.74
C GLY A 168 -32.03 -51.19 8.85
N ILE A 169 -32.93 -51.37 7.88
CA ILE A 169 -32.81 -52.48 6.92
C ILE A 169 -31.50 -52.37 6.15
N LEU A 170 -31.22 -51.17 5.63
CA LEU A 170 -29.97 -50.96 4.90
C LEU A 170 -28.78 -50.77 5.83
N GLY A 171 -29.00 -50.30 7.06
CA GLY A 171 -27.90 -50.15 7.98
C GLY A 171 -27.40 -51.47 8.51
N GLU A 172 -28.25 -52.50 8.53
CA GLU A 172 -27.84 -53.81 8.99
C GLU A 172 -27.20 -54.64 7.89
N VAL A 173 -27.63 -54.43 6.64
CA VAL A 173 -26.99 -55.10 5.50
C VAL A 173 -25.55 -54.64 5.35
N ILE A 174 -25.28 -53.36 5.65
CA ILE A 174 -23.91 -52.85 5.54
C ILE A 174 -23.08 -53.24 6.75
N SER A 175 -23.71 -53.40 7.92
CA SER A 175 -23.01 -53.81 9.14
C SER A 175 -22.79 -55.31 9.13
N GLU A 176 -22.54 -55.88 7.95
CA GLU A 176 -22.50 -57.33 7.84
C GLU A 176 -21.61 -57.78 6.69
N CYS A 177 -22.04 -57.50 5.45
CA CYS A 177 -21.24 -57.86 4.27
C CYS A 177 -19.94 -57.07 4.27
N ASP A 178 -18.84 -57.76 3.95
CA ASP A 178 -17.49 -57.21 4.08
C ASP A 178 -16.88 -56.79 2.75
N SER A 179 -17.70 -56.62 1.71
CA SER A 179 -17.25 -56.12 0.42
C SER A 179 -18.44 -55.60 -0.37
N LEU A 180 -19.15 -54.64 0.21
CA LEU A 180 -20.34 -54.09 -0.42
C LEU A 180 -19.99 -53.46 -1.76
N PRO A 181 -20.90 -53.51 -2.74
CA PRO A 181 -20.61 -52.91 -4.04
C PRO A 181 -20.43 -51.41 -3.93
N MET A 182 -19.53 -50.87 -4.74
CA MET A 182 -19.44 -49.42 -4.90
C MET A 182 -20.64 -48.83 -5.62
N SER A 183 -21.61 -49.66 -5.99
CA SER A 183 -22.85 -49.21 -6.62
C SER A 183 -23.94 -48.90 -5.61
N ALA A 184 -23.95 -49.58 -4.47
CA ALA A 184 -24.89 -49.28 -3.40
C ALA A 184 -24.37 -48.20 -2.47
N LEU A 185 -23.06 -48.16 -2.23
CA LEU A 185 -22.48 -47.16 -1.33
C LEU A 185 -22.57 -45.77 -1.93
N LYS A 186 -22.16 -45.61 -3.19
CA LYS A 186 -22.28 -44.35 -3.89
C LYS A 186 -23.72 -44.02 -4.26
N MET A 187 -24.63 -44.99 -4.16
CA MET A 187 -26.06 -44.68 -4.23
C MET A 187 -26.53 -43.97 -2.97
N VAL A 188 -25.91 -44.27 -1.83
CA VAL A 188 -26.34 -43.71 -0.55
C VAL A 188 -25.71 -42.34 -0.32
N PHE A 189 -24.48 -42.14 -0.78
CA PHE A 189 -23.83 -40.84 -0.70
C PHE A 189 -24.11 -39.95 -1.91
N ASN A 190 -24.65 -40.49 -3.00
CA ASN A 190 -25.09 -39.63 -4.10
C ASN A 190 -26.27 -38.76 -3.70
N LYS A 191 -27.10 -39.24 -2.78
CA LYS A 191 -28.18 -38.44 -2.22
C LYS A 191 -27.68 -37.43 -1.19
N PHE A 192 -26.36 -37.32 -1.02
CA PHE A 192 -25.76 -36.25 -0.25
C PHE A 192 -25.28 -35.10 -1.12
N LEU A 193 -24.79 -35.41 -2.33
CA LEU A 193 -24.56 -34.41 -3.37
C LEU A 193 -25.86 -34.05 -4.09
N SER A 194 -26.97 -34.65 -3.71
CA SER A 194 -28.30 -34.18 -4.05
C SER A 194 -28.85 -33.21 -3.01
N HIS A 195 -28.22 -33.12 -1.84
CA HIS A 195 -28.68 -32.22 -0.79
C HIS A 195 -28.18 -30.79 -1.04
N LYS A 196 -26.87 -30.56 -0.87
CA LYS A 196 -26.30 -29.23 -1.08
C LYS A 196 -26.65 -28.68 -2.46
N ARG A 197 -26.89 -29.56 -3.43
CA ARG A 197 -27.26 -29.10 -4.77
C ARG A 197 -28.65 -28.47 -4.79
N ALA A 198 -29.59 -29.01 -4.02
CA ALA A 198 -30.94 -28.49 -3.94
C ALA A 198 -31.27 -27.88 -2.59
N GLU A 199 -30.24 -27.51 -1.81
CA GLU A 199 -30.44 -26.92 -0.49
C GLU A 199 -29.63 -25.64 -0.25
N SER A 200 -28.50 -25.45 -0.92
CA SER A 200 -27.84 -24.14 -0.91
C SER A 200 -28.75 -23.15 -1.63
N LEU A 201 -28.91 -23.34 -2.93
CA LEU A 201 -30.08 -22.80 -3.61
C LEU A 201 -31.32 -23.40 -2.95
N ASP A 202 -32.37 -22.58 -2.81
CA ASP A 202 -33.60 -23.01 -2.14
C ASP A 202 -33.32 -23.15 -0.65
N GLY A 203 -34.37 -23.41 0.16
CA GLY A 203 -34.22 -23.44 1.61
C GLY A 203 -34.32 -24.82 2.22
N ILE A 204 -35.30 -25.01 3.10
CA ILE A 204 -35.40 -26.22 3.91
C ILE A 204 -36.86 -26.54 4.27
N PRO A 210 -36.04 -36.71 0.64
CA PRO A 210 -36.98 -37.82 0.88
C PRO A 210 -36.32 -39.18 0.68
N GLY A 211 -35.42 -39.25 -0.29
CA GLY A 211 -34.52 -40.38 -0.42
C GLY A 211 -33.16 -40.00 0.15
N PHE A 212 -33.02 -38.72 0.48
CA PHE A 212 -31.86 -38.24 1.22
C PHE A 212 -31.97 -38.58 2.71
N GLU A 213 -33.15 -38.36 3.30
CA GLU A 213 -33.32 -38.55 4.74
C GLU A 213 -32.99 -39.97 5.16
N ILE A 214 -33.25 -40.95 4.29
CA ILE A 214 -32.92 -42.33 4.60
C ILE A 214 -31.42 -42.52 4.74
N SER A 215 -30.63 -41.74 4.01
CA SER A 215 -29.19 -41.97 3.98
C SER A 215 -28.48 -41.32 5.15
N LEU A 216 -29.00 -40.20 5.68
CA LEU A 216 -28.41 -39.56 6.84
C LEU A 216 -28.67 -40.37 8.11
N ILE A 217 -29.82 -41.04 8.19
CA ILE A 217 -30.13 -41.90 9.33
C ILE A 217 -29.21 -43.12 9.37
N ILE A 218 -28.56 -43.44 8.25
CA ILE A 218 -27.50 -44.45 8.28
C ILE A 218 -26.22 -43.85 8.87
N CYS A 219 -25.75 -42.74 8.28
CA CYS A 219 -24.42 -42.21 8.57
C CYS A 219 -24.28 -41.68 10.00
N GLN A 220 -25.36 -41.56 10.74
CA GLN A 220 -25.30 -41.00 12.09
C GLN A 220 -25.56 -42.02 13.18
N THR A 221 -26.32 -43.09 12.88
CA THR A 221 -26.55 -44.20 13.78
C THR A 221 -25.63 -45.38 13.50
N TYR A 222 -25.43 -45.70 12.23
CA TYR A 222 -24.47 -46.73 11.81
C TYR A 222 -23.12 -46.10 11.46
N SER A 223 -22.57 -45.31 12.38
CA SER A 223 -21.34 -44.60 12.06
C SER A 223 -20.11 -45.48 12.27
N ASN A 224 -20.06 -46.19 13.40
CA ASN A 224 -18.90 -47.02 13.73
C ASN A 224 -18.99 -48.44 13.19
N ARG A 225 -20.15 -48.84 12.65
CA ARG A 225 -20.22 -50.08 11.88
C ARG A 225 -19.82 -49.82 10.43
N LEU A 226 -20.36 -48.76 9.84
CA LEU A 226 -20.12 -48.46 8.44
C LEU A 226 -18.67 -48.05 8.19
N GLY A 227 -18.08 -47.31 9.14
CA GLY A 227 -16.77 -46.69 8.99
C GLY A 227 -15.70 -47.51 8.27
N ARG A 228 -15.78 -48.84 8.39
CA ARG A 228 -14.84 -49.69 7.67
C ARG A 228 -15.21 -49.81 6.19
N HIS A 229 -16.51 -49.87 5.90
CA HIS A 229 -16.96 -49.82 4.51
C HIS A 229 -16.84 -48.43 3.90
N PHE A 230 -16.81 -47.40 4.74
CA PHE A 230 -16.66 -46.04 4.22
C PHE A 230 -15.25 -45.82 3.69
N ILE A 231 -14.25 -46.38 4.37
CA ILE A 231 -12.88 -46.26 3.88
C ILE A 231 -12.63 -47.18 2.70
N LYS A 232 -13.46 -48.20 2.48
CA LYS A 232 -13.45 -48.93 1.23
C LYS A 232 -14.03 -48.09 0.10
N PHE A 233 -15.12 -47.37 0.37
CA PHE A 233 -15.76 -46.57 -0.66
C PHE A 233 -14.94 -45.33 -0.99
N TYR A 234 -14.46 -44.63 0.04
CA TYR A 234 -13.81 -43.34 -0.17
C TYR A 234 -12.40 -43.51 -0.72
N SER A 235 -11.73 -44.62 -0.40
CA SER A 235 -10.39 -44.86 -0.91
C SER A 235 -10.42 -45.46 -2.32
N GLU A 236 -11.48 -46.19 -2.68
CA GLU A 236 -11.60 -46.69 -4.04
C GLU A 236 -11.84 -45.56 -5.04
N ILE A 237 -12.69 -44.60 -4.68
CA ILE A 237 -12.86 -43.43 -5.55
C ILE A 237 -11.59 -42.59 -5.56
N MET A 238 -10.90 -42.52 -4.42
CA MET A 238 -9.70 -41.70 -4.32
C MET A 238 -8.59 -42.22 -5.22
N TYR A 239 -8.17 -43.48 -5.02
CA TYR A 239 -7.08 -44.07 -5.79
C TYR A 239 -7.41 -44.22 -7.26
N GLU A 240 -8.62 -43.86 -7.68
CA GLU A 240 -8.98 -43.83 -9.08
C GLU A 240 -8.68 -42.49 -9.72
N VAL A 241 -8.65 -41.41 -8.94
CA VAL A 241 -8.29 -40.11 -9.46
C VAL A 241 -6.79 -39.85 -9.34
N LEU A 242 -6.12 -40.43 -8.34
CA LEU A 242 -4.67 -40.27 -8.23
C LEU A 242 -3.93 -40.98 -9.35
N GLY A 243 -4.53 -42.03 -9.92
CA GLY A 243 -3.83 -42.83 -10.91
C GLY A 243 -4.24 -42.56 -12.35
N GLU A 244 -4.20 -41.29 -12.76
CA GLU A 244 -4.54 -40.94 -14.14
C GLU A 244 -3.31 -40.55 -14.95
N ALA A 253 -11.45 -29.30 -15.81
CA ALA A 253 -12.46 -30.27 -16.18
C ALA A 253 -11.83 -31.52 -16.78
N SER A 254 -12.32 -32.69 -16.38
CA SER A 254 -11.85 -33.96 -16.92
C SER A 254 -12.66 -35.15 -16.38
N SER A 255 -12.07 -36.35 -16.49
CA SER A 255 -12.74 -37.57 -16.03
C SER A 255 -12.57 -37.80 -14.54
N ALA A 256 -11.39 -37.48 -14.00
CA ALA A 256 -11.13 -37.57 -12.57
C ALA A 256 -11.08 -36.22 -11.87
N TYR A 257 -11.13 -35.11 -12.62
CA TYR A 257 -11.22 -33.81 -11.97
C TYR A 257 -12.63 -33.54 -11.46
N LYS A 258 -13.65 -34.02 -12.17
CA LYS A 258 -15.01 -33.90 -11.67
C LYS A 258 -15.38 -35.03 -10.72
N THR A 259 -14.73 -36.19 -10.86
CA THR A 259 -14.81 -37.23 -9.84
C THR A 259 -14.12 -36.78 -8.56
N LEU A 260 -13.25 -35.78 -8.64
CA LEU A 260 -12.55 -35.27 -7.46
C LEU A 260 -13.40 -34.23 -6.72
N VAL A 261 -14.09 -33.36 -7.44
CA VAL A 261 -14.88 -32.33 -6.78
C VAL A 261 -16.18 -32.90 -6.21
N LYS A 262 -16.65 -34.04 -6.72
CA LYS A 262 -17.75 -34.76 -6.06
C LYS A 262 -17.31 -35.22 -4.67
N ILE A 263 -16.13 -35.82 -4.58
CA ILE A 263 -15.59 -36.22 -3.27
C ILE A 263 -15.35 -35.01 -2.40
N GLY A 264 -14.70 -33.97 -2.96
CA GLY A 264 -14.37 -32.78 -2.17
C GLY A 264 -15.57 -32.19 -1.46
N ASN A 265 -16.75 -32.28 -2.07
CA ASN A 265 -17.96 -31.80 -1.45
C ASN A 265 -18.67 -32.88 -0.64
N LEU A 266 -18.61 -34.14 -1.07
CA LEU A 266 -19.16 -35.24 -0.26
C LEU A 266 -18.46 -35.29 1.09
N THR A 267 -17.19 -34.89 1.16
CA THR A 267 -16.50 -34.72 2.43
C THR A 267 -17.04 -33.51 3.18
N SER A 268 -17.24 -32.40 2.48
CA SER A 268 -17.65 -31.13 3.08
C SER A 268 -18.88 -31.27 3.97
N GLU A 269 -20.04 -31.56 3.37
CA GLU A 269 -21.27 -31.74 4.14
C GLU A 269 -21.12 -32.81 5.21
N LEU A 270 -20.19 -33.74 5.02
CA LEU A 270 -20.04 -34.85 5.96
C LEU A 270 -19.42 -34.41 7.28
N TRP A 271 -18.68 -33.30 7.29
CA TRP A 271 -18.01 -32.81 8.49
C TRP A 271 -18.95 -32.12 9.47
N LYS A 272 -20.21 -31.91 9.11
CA LYS A 272 -21.17 -31.36 10.06
C LYS A 272 -22.24 -32.34 10.49
N TYR A 273 -22.64 -33.27 9.62
CA TYR A 273 -23.62 -34.29 9.98
C TYR A 273 -22.95 -35.54 10.56
N ALA A 274 -21.89 -36.03 9.92
CA ALA A 274 -21.11 -37.16 10.42
C ALA A 274 -19.65 -36.74 10.60
N PRO A 275 -19.37 -35.78 11.49
CA PRO A 275 -17.97 -35.31 11.63
C PRO A 275 -17.03 -36.37 12.17
N GLU A 276 -17.53 -37.29 12.98
CA GLU A 276 -16.70 -38.42 13.41
C GLU A 276 -16.38 -39.35 12.25
N LEU A 277 -17.28 -39.42 11.26
CA LEU A 277 -17.11 -40.31 10.12
C LEU A 277 -16.10 -39.78 9.11
N VAL A 278 -15.92 -38.46 9.04
CA VAL A 278 -14.87 -37.88 8.21
C VAL A 278 -13.50 -38.21 8.77
N GLY A 279 -13.38 -38.34 10.09
CA GLY A 279 -12.12 -38.73 10.71
C GLY A 279 -11.59 -40.08 10.26
N SER A 280 -12.39 -40.85 9.51
CA SER A 280 -11.96 -42.13 8.98
C SER A 280 -11.09 -41.99 7.73
N VAL A 281 -11.15 -40.86 7.03
CA VAL A 281 -10.47 -40.71 5.75
C VAL A 281 -9.65 -39.44 5.65
N THR A 282 -9.30 -38.84 6.79
CA THR A 282 -8.34 -37.74 6.78
C THR A 282 -6.90 -38.23 6.78
N GLY A 283 -6.67 -39.52 6.97
CA GLY A 283 -5.46 -40.12 6.47
C GLY A 283 -5.43 -40.27 4.97
N LEU A 284 -6.50 -39.84 4.29
CA LEU A 284 -6.58 -39.78 2.83
C LEU A 284 -6.80 -38.36 2.32
N LEU A 285 -6.94 -37.38 3.22
CA LEU A 285 -6.73 -35.99 2.85
C LEU A 285 -5.30 -35.54 3.06
N TYR A 286 -4.51 -36.30 3.83
CA TYR A 286 -3.08 -36.03 3.87
C TYR A 286 -2.41 -36.42 2.55
N GLN A 287 -2.95 -37.42 1.86
CA GLN A 287 -2.43 -37.72 0.53
C GLN A 287 -2.83 -36.64 -0.48
N LEU A 288 -3.95 -35.97 -0.25
CA LEU A 288 -4.43 -34.98 -1.21
C LEU A 288 -3.76 -33.63 -1.08
N LEU A 289 -3.07 -33.36 0.03
CA LEU A 289 -2.29 -32.13 0.22
C LEU A 289 -0.79 -32.37 0.04
N CYS A 290 -0.41 -33.52 -0.51
CA CYS A 290 0.94 -33.78 -1.02
C CYS A 290 0.86 -34.37 -2.42
N SER A 291 -0.17 -33.99 -3.17
CA SER A 291 -0.49 -34.60 -4.45
C SER A 291 0.63 -34.33 -5.47
N ASP A 292 0.52 -35.02 -6.61
CA ASP A 292 1.44 -34.86 -7.73
C ASP A 292 0.86 -33.99 -8.83
N ASN A 293 -0.29 -33.36 -8.59
CA ASN A 293 -0.87 -32.42 -9.56
C ASN A 293 -1.35 -31.20 -8.79
N GLU A 294 -1.42 -30.07 -9.50
CA GLU A 294 -1.78 -28.83 -8.83
C GLU A 294 -3.30 -28.67 -8.72
N LEU A 295 -4.07 -29.10 -9.73
CA LEU A 295 -5.52 -29.06 -9.58
C LEU A 295 -6.07 -30.23 -8.77
N PHE A 296 -5.21 -30.99 -8.09
CA PHE A 296 -5.62 -31.89 -7.03
C PHE A 296 -5.33 -31.30 -5.64
N ARG A 297 -4.12 -30.77 -5.43
CA ARG A 297 -3.84 -30.00 -4.23
C ARG A 297 -4.82 -28.84 -4.08
N GLU A 298 -5.03 -28.11 -5.18
CA GLU A 298 -5.88 -26.93 -5.13
C GLU A 298 -7.31 -27.28 -4.73
N SER A 299 -7.85 -28.39 -5.23
CA SER A 299 -9.17 -28.83 -4.82
C SER A 299 -9.14 -29.59 -3.50
N ALA A 300 -7.99 -29.64 -2.83
CA ALA A 300 -7.86 -30.23 -1.50
C ALA A 300 -7.85 -29.20 -0.39
N THR A 301 -7.04 -28.14 -0.52
CA THR A 301 -7.13 -27.04 0.42
C THR A 301 -8.40 -26.22 0.24
N LYS A 302 -9.13 -26.42 -0.85
CA LYS A 302 -10.48 -25.87 -0.94
C LYS A 302 -11.50 -26.68 -0.17
N CYS A 303 -11.16 -27.90 0.26
CA CYS A 303 -12.06 -28.67 1.11
C CYS A 303 -11.79 -28.43 2.60
N VAL A 304 -10.51 -28.47 3.00
CA VAL A 304 -10.16 -28.18 4.39
C VAL A 304 -10.57 -26.76 4.76
N SER A 305 -10.48 -25.83 3.80
CA SER A 305 -10.97 -24.47 4.02
C SER A 305 -12.46 -24.47 4.27
N LYS A 306 -13.22 -25.17 3.43
CA LYS A 306 -14.66 -25.29 3.68
C LYS A 306 -14.92 -25.94 5.03
N MET A 307 -14.01 -26.81 5.48
CA MET A 307 -14.21 -27.52 6.74
C MET A 307 -13.79 -26.69 7.94
N LEU A 308 -12.84 -25.76 7.78
CA LEU A 308 -12.51 -24.87 8.89
C LEU A 308 -13.64 -23.87 9.16
N GLY A 309 -14.33 -23.42 8.11
CA GLY A 309 -15.35 -22.39 8.29
C GLY A 309 -16.60 -22.88 9.00
N THR A 310 -16.89 -24.18 8.91
CA THR A 310 -18.13 -24.74 9.43
C THR A 310 -18.09 -24.86 10.95
N HIS A 311 -19.21 -24.55 11.59
CA HIS A 311 -19.36 -24.80 13.02
C HIS A 311 -19.51 -26.30 13.25
N SER A 312 -18.49 -26.92 13.84
CA SER A 312 -18.45 -28.37 13.97
C SER A 312 -18.48 -28.87 15.41
N LEU A 313 -18.08 -28.03 16.38
CA LEU A 313 -17.88 -28.42 17.78
C LEU A 313 -16.86 -29.56 17.89
N ILE A 314 -16.16 -29.85 16.79
CA ILE A 314 -14.96 -30.66 16.80
C ILE A 314 -13.72 -29.83 16.47
N ASN A 315 -13.88 -28.88 15.54
CA ASN A 315 -12.85 -28.03 14.96
C ASN A 315 -11.68 -28.85 14.40
N PHE A 316 -11.51 -28.75 13.08
CA PHE A 316 -10.51 -29.49 12.33
C PHE A 316 -9.08 -29.18 12.77
N ALA A 317 -8.89 -28.21 13.66
CA ALA A 317 -7.56 -27.77 14.07
C ALA A 317 -7.05 -28.43 15.35
N VAL A 318 -7.93 -28.88 16.23
CA VAL A 318 -7.53 -29.60 17.44
C VAL A 318 -7.54 -31.11 17.21
N ALA A 319 -8.63 -31.64 16.65
CA ALA A 319 -8.73 -33.08 16.42
C ALA A 319 -7.76 -33.54 15.34
N HIS A 320 -7.73 -32.83 14.22
CA HIS A 320 -6.82 -33.22 13.15
C HIS A 320 -5.65 -32.25 13.04
N SER A 321 -4.85 -32.16 14.11
CA SER A 321 -3.62 -31.40 14.04
C SER A 321 -2.78 -31.86 12.85
N ASP A 322 -2.68 -33.17 12.66
CA ASP A 322 -1.95 -33.77 11.55
C ASP A 322 -2.38 -33.19 10.21
N THR A 323 -3.66 -33.34 9.89
CA THR A 323 -4.18 -33.06 8.56
C THR A 323 -4.54 -31.58 8.37
N TYR A 324 -4.57 -30.80 9.44
CA TYR A 324 -4.79 -29.36 9.33
C TYR A 324 -3.49 -28.57 9.20
N LYS A 325 -2.40 -29.05 9.80
CA LYS A 325 -1.13 -28.33 9.72
C LYS A 325 -0.53 -28.39 8.32
N ILE A 326 -0.70 -29.53 7.63
CA ILE A 326 -0.33 -29.59 6.22
C ILE A 326 -1.17 -28.62 5.39
N TRP A 327 -2.34 -28.22 5.89
CA TRP A 327 -3.13 -27.21 5.20
C TRP A 327 -2.52 -25.82 5.36
N LEU A 328 -2.09 -25.47 6.58
CA LEU A 328 -1.40 -24.21 6.79
C LEU A 328 -0.18 -24.10 5.89
N SER A 329 0.57 -25.20 5.73
CA SER A 329 1.78 -25.16 4.93
C SER A 329 1.48 -25.05 3.43
N LYS A 330 0.27 -25.39 3.00
CA LYS A 330 -0.02 -25.48 1.57
C LYS A 330 -0.08 -24.11 0.91
N MET A 331 0.45 -23.09 1.59
CA MET A 331 0.77 -21.83 0.95
C MET A 331 2.21 -21.79 0.46
N ALA A 332 3.14 -22.40 1.18
CA ALA A 332 4.52 -22.50 0.72
C ALA A 332 4.62 -23.52 -0.41
N ASP A 333 3.55 -23.68 -1.17
CA ASP A 333 3.43 -24.72 -2.18
C ASP A 333 3.93 -24.20 -3.52
N ILE A 334 4.43 -25.12 -4.35
CA ILE A 334 5.17 -24.75 -5.54
C ILE A 334 4.29 -24.16 -6.63
N SER A 335 2.98 -24.43 -6.59
CA SER A 335 2.10 -24.00 -7.66
C SER A 335 1.38 -22.71 -7.28
N PRO A 336 1.64 -21.59 -7.97
CA PRO A 336 0.84 -20.37 -7.71
C PRO A 336 -0.67 -20.59 -7.72
N HIS A 337 -1.20 -21.40 -8.64
CA HIS A 337 -2.63 -21.68 -8.53
C HIS A 337 -2.98 -22.55 -7.31
N VAL A 338 -2.03 -22.88 -6.44
CA VAL A 338 -2.33 -23.50 -5.14
C VAL A 338 -2.28 -22.48 -4.02
N ARG A 339 -1.25 -21.62 -4.00
CA ARG A 339 -1.28 -20.53 -3.03
C ARG A 339 -2.42 -19.56 -3.32
N GLN A 340 -2.83 -19.46 -4.59
CA GLN A 340 -3.98 -18.62 -4.91
C GLN A 340 -5.25 -19.18 -4.30
N ALA A 341 -5.27 -20.47 -3.96
CA ALA A 341 -6.44 -21.12 -3.39
C ALA A 341 -6.44 -21.13 -1.87
N TRP A 342 -5.27 -21.08 -1.22
CA TRP A 342 -5.26 -20.92 0.23
C TRP A 342 -5.78 -19.54 0.62
N VAL A 343 -5.17 -18.49 0.04
CA VAL A 343 -5.58 -17.13 0.35
C VAL A 343 -6.98 -16.83 -0.18
N SER A 344 -7.48 -17.64 -1.11
CA SER A 344 -8.81 -17.39 -1.67
C SER A 344 -9.89 -17.47 -0.61
N GLU A 345 -9.74 -18.38 0.36
CA GLU A 345 -10.83 -18.74 1.24
C GLU A 345 -10.66 -18.22 2.67
N ILE A 346 -9.59 -17.49 2.96
CA ILE A 346 -9.38 -17.03 4.33
C ILE A 346 -10.41 -15.98 4.77
N PRO A 347 -11.03 -15.17 3.89
CA PRO A 347 -12.14 -14.35 4.36
C PRO A 347 -13.34 -15.16 4.83
N SER A 348 -13.53 -16.37 4.32
CA SER A 348 -14.62 -17.21 4.83
C SER A 348 -14.30 -17.72 6.24
N ILE A 349 -13.05 -18.13 6.47
CA ILE A 349 -12.65 -18.64 7.78
C ILE A 349 -12.52 -17.52 8.80
N LEU A 350 -12.15 -16.31 8.35
CA LEU A 350 -11.93 -15.20 9.28
C LEU A 350 -13.25 -14.64 9.79
N MET A 351 -14.29 -14.61 8.95
CA MET A 351 -15.62 -14.23 9.42
C MET A 351 -16.33 -15.38 10.13
N SER A 352 -15.71 -16.56 10.20
CA SER A 352 -16.34 -17.71 10.83
C SER A 352 -15.93 -17.88 12.29
N ARG A 353 -14.67 -17.62 12.62
CA ARG A 353 -14.14 -18.01 13.92
C ARG A 353 -12.94 -17.15 14.27
N SER A 354 -12.59 -17.17 15.56
CA SER A 354 -11.57 -16.28 16.11
C SER A 354 -10.25 -16.96 16.45
N ASP A 355 -10.25 -18.23 16.85
CA ASP A 355 -9.06 -18.83 17.45
C ASP A 355 -7.92 -19.06 16.47
N LEU A 356 -8.21 -19.21 15.18
CA LEU A 356 -7.17 -19.35 14.15
C LEU A 356 -6.72 -18.01 13.59
N SER A 357 -6.53 -17.01 14.45
CA SER A 357 -6.22 -15.66 14.01
C SER A 357 -4.73 -15.36 14.01
N ASP A 358 -3.93 -16.06 14.81
CA ASP A 358 -2.49 -15.86 14.80
C ASP A 358 -1.80 -16.78 13.81
N ASP A 359 -2.33 -18.00 13.59
CA ASP A 359 -1.82 -18.86 12.52
C ASP A 359 -2.15 -18.27 11.15
N ILE A 360 -3.40 -17.84 10.95
CA ILE A 360 -3.81 -17.35 9.65
C ILE A 360 -3.12 -16.03 9.31
N SER A 361 -2.86 -15.18 10.30
CA SER A 361 -2.24 -13.88 10.02
C SER A 361 -0.87 -14.04 9.38
N LYS A 362 -0.13 -15.10 9.73
CA LYS A 362 1.19 -15.31 9.17
C LYS A 362 1.14 -15.82 7.74
N GLY A 363 0.13 -16.63 7.42
CA GLY A 363 0.00 -17.14 6.06
C GLY A 363 -0.44 -16.07 5.07
N LEU A 364 -1.40 -15.24 5.48
CA LEU A 364 -1.83 -14.12 4.64
C LEU A 364 -0.77 -13.03 4.57
N ALA A 365 0.12 -12.96 5.56
CA ALA A 365 1.22 -11.99 5.50
C ALA A 365 2.25 -12.38 4.43
N LYS A 366 2.39 -13.68 4.14
CA LYS A 366 3.26 -14.10 3.05
C LYS A 366 2.58 -13.93 1.70
N ALA A 367 1.27 -14.16 1.62
CA ALA A 367 0.54 -14.03 0.36
C ALA A 367 0.48 -12.59 -0.12
N LEU A 368 1.07 -11.65 0.61
CA LEU A 368 1.18 -10.26 0.18
C LEU A 368 2.54 -9.91 -0.39
N ILE A 369 3.53 -10.79 -0.28
CA ILE A 369 4.86 -10.57 -0.85
C ILE A 369 5.15 -11.70 -1.84
N ASP A 370 4.10 -12.19 -2.50
CA ASP A 370 4.23 -13.34 -3.39
C ASP A 370 4.69 -12.91 -4.77
N SER A 371 5.35 -13.84 -5.48
CA SER A 371 5.84 -13.55 -6.82
C SER A 371 4.72 -13.63 -7.86
N ASP A 372 3.84 -14.61 -7.72
CA ASP A 372 2.66 -14.68 -8.57
C ASP A 372 1.71 -13.51 -8.25
N HIS A 373 1.24 -12.83 -9.30
CA HIS A 373 0.34 -11.71 -9.07
C HIS A 373 -1.08 -12.13 -8.72
N THR A 374 -1.42 -13.42 -8.89
CA THR A 374 -2.76 -13.86 -8.53
C THR A 374 -2.87 -14.21 -7.04
N VAL A 375 -1.78 -14.65 -6.41
CA VAL A 375 -1.78 -14.82 -4.97
C VAL A 375 -1.93 -13.47 -4.28
N ARG A 376 -1.27 -12.44 -4.82
CA ARG A 376 -1.33 -11.11 -4.21
C ARG A 376 -2.67 -10.44 -4.42
N LEU A 377 -3.35 -10.71 -5.53
CA LEU A 377 -4.66 -10.10 -5.76
C LEU A 377 -5.75 -10.76 -4.93
N SER A 378 -5.61 -12.05 -4.61
CA SER A 378 -6.51 -12.71 -3.68
C SER A 378 -6.13 -12.49 -2.23
N ALA A 379 -4.99 -11.84 -1.96
CA ALA A 379 -4.64 -11.40 -0.61
C ALA A 379 -5.10 -9.97 -0.36
N ILE A 380 -4.96 -9.10 -1.36
CA ILE A 380 -5.47 -7.73 -1.24
C ILE A 380 -6.98 -7.74 -1.11
N GLN A 381 -7.67 -8.61 -1.86
CA GLN A 381 -9.13 -8.65 -1.82
C GLN A 381 -9.69 -9.17 -0.51
N THR A 382 -8.85 -9.54 0.46
CA THR A 382 -9.36 -9.97 1.76
C THR A 382 -9.73 -8.77 2.63
N PHE A 383 -8.92 -7.70 2.60
CA PHE A 383 -9.26 -6.47 3.28
C PHE A 383 -10.44 -5.73 2.64
N HIS A 384 -11.03 -6.30 1.58
CA HIS A 384 -12.37 -5.97 1.13
C HIS A 384 -13.41 -6.86 1.81
N GLU A 385 -13.31 -8.18 1.59
CA GLU A 385 -14.40 -9.11 1.85
C GLU A 385 -14.59 -9.46 3.33
N VAL A 386 -13.86 -8.83 4.23
CA VAL A 386 -14.09 -9.03 5.67
C VAL A 386 -14.25 -7.65 6.30
N PRO A 387 -15.20 -7.46 7.21
CA PRO A 387 -15.44 -6.12 7.78
C PRO A 387 -14.21 -5.58 8.48
N VAL A 388 -14.21 -4.25 8.67
CA VAL A 388 -12.99 -3.53 8.97
C VAL A 388 -12.65 -3.49 10.46
N LYS A 389 -13.62 -3.66 11.35
CA LYS A 389 -13.28 -3.87 12.76
C LYS A 389 -12.90 -5.32 13.02
N ARG A 390 -13.42 -6.24 12.21
CA ARG A 390 -13.02 -7.64 12.32
C ARG A 390 -11.58 -7.84 11.87
N LEU A 391 -11.12 -7.07 10.88
CA LEU A 391 -9.70 -7.08 10.51
C LEU A 391 -8.82 -6.72 11.69
N TRP A 392 -9.22 -5.72 12.48
CA TRP A 392 -8.43 -5.30 13.63
C TRP A 392 -8.37 -6.38 14.69
N GLU A 393 -9.43 -7.15 14.84
CA GLU A 393 -9.55 -8.17 15.88
C GLU A 393 -9.00 -9.53 15.45
N CYS A 394 -8.94 -9.80 14.14
CA CYS A 394 -8.43 -11.07 13.62
C CYS A 394 -6.95 -11.02 13.31
N LEU A 395 -6.51 -10.03 12.54
CA LEU A 395 -5.09 -9.91 12.25
C LEU A 395 -4.48 -8.83 13.13
N PRO A 396 -4.10 -9.14 14.37
CA PRO A 396 -3.61 -8.11 15.28
C PRO A 396 -2.17 -7.71 15.07
N ASN A 397 -1.57 -8.12 13.95
CA ASN A 397 -0.17 -7.82 13.65
C ASN A 397 -0.12 -6.66 12.66
N ALA A 398 0.50 -5.55 13.07
CA ALA A 398 0.65 -4.42 12.19
C ALA A 398 1.51 -4.72 10.98
N ALA A 399 2.16 -5.88 10.95
CA ALA A 399 2.94 -6.26 9.78
C ALA A 399 2.05 -6.59 8.60
N VAL A 400 0.95 -7.30 8.85
CA VAL A 400 0.02 -7.65 7.77
C VAL A 400 -0.47 -6.40 7.06
N PHE A 401 -0.64 -5.30 7.80
CA PHE A 401 -1.15 -4.06 7.20
C PHE A 401 -0.06 -3.24 6.53
N ALA A 402 1.18 -3.28 7.01
CA ALA A 402 2.23 -2.52 6.36
C ALA A 402 2.65 -3.13 5.02
N GLY A 403 2.31 -4.39 4.78
CA GLY A 403 2.63 -5.06 3.54
C GLY A 403 1.54 -4.85 2.50
N LEU A 404 0.32 -4.64 2.96
CA LEU A 404 -0.77 -4.28 2.04
C LEU A 404 -0.54 -2.89 1.45
N VAL A 405 -0.22 -1.91 2.30
CA VAL A 405 0.04 -0.57 1.79
C VAL A 405 1.23 -0.58 0.83
N HIS A 406 2.23 -1.42 1.11
CA HIS A 406 3.36 -1.58 0.19
C HIS A 406 2.87 -1.84 -1.23
N LEU A 407 1.82 -2.65 -1.37
CA LEU A 407 1.33 -3.02 -2.69
C LEU A 407 0.57 -1.89 -3.39
N THR A 408 0.35 -0.76 -2.71
CA THR A 408 -0.31 0.37 -3.35
C THR A 408 0.50 0.92 -4.52
N ARG A 409 1.78 0.55 -4.62
CA ARG A 409 2.63 0.86 -5.76
C ARG A 409 2.56 -0.21 -6.85
N GLU A 410 1.47 -0.98 -6.90
CA GLU A 410 1.39 -2.14 -7.79
C GLU A 410 1.51 -1.71 -9.25
N THR A 411 2.04 -2.62 -10.08
CA THR A 411 2.22 -2.34 -11.50
C THR A 411 0.98 -2.72 -12.32
N ARG A 412 0.42 -3.91 -12.08
CA ARG A 412 -0.82 -4.30 -12.74
C ARG A 412 -1.90 -3.25 -12.46
N ARG A 413 -2.65 -2.89 -13.51
CA ARG A 413 -3.67 -1.86 -13.38
C ARG A 413 -4.68 -2.20 -12.28
N ASP A 414 -5.26 -3.39 -12.37
CA ASP A 414 -6.36 -3.75 -11.47
C ASP A 414 -5.88 -3.96 -10.04
N LEU A 415 -4.70 -4.55 -9.85
CA LEU A 415 -4.22 -4.81 -8.49
C LEU A 415 -3.89 -3.53 -7.76
N ARG A 416 -3.40 -2.51 -8.48
CA ARG A 416 -3.17 -1.20 -7.90
C ARG A 416 -4.47 -0.62 -7.34
N ASP A 417 -5.44 -0.38 -8.23
CA ASP A 417 -6.66 0.31 -7.83
C ASP A 417 -7.42 -0.44 -6.74
N GLU A 418 -7.53 -1.78 -6.86
CA GLU A 418 -8.22 -2.56 -5.85
C GLU A 418 -7.54 -2.43 -4.49
N CYS A 419 -6.22 -2.22 -4.48
CA CYS A 419 -5.49 -2.06 -3.23
C CYS A 419 -5.75 -0.68 -2.63
N ILE A 420 -5.70 0.37 -3.45
CA ILE A 420 -5.92 1.72 -2.96
C ILE A 420 -7.32 1.88 -2.41
N ASP A 421 -8.32 1.29 -3.09
CA ASP A 421 -9.68 1.33 -2.57
C ASP A 421 -9.76 0.65 -1.20
N ALA A 422 -9.05 -0.47 -1.04
CA ALA A 422 -9.07 -1.18 0.24
C ALA A 422 -8.27 -0.45 1.30
N VAL A 423 -7.11 0.09 0.92
CA VAL A 423 -6.29 0.81 1.90
C VAL A 423 -7.01 2.07 2.37
N ALA A 424 -7.78 2.70 1.49
CA ALA A 424 -8.53 3.89 1.89
C ALA A 424 -9.83 3.51 2.57
N ARG A 425 -10.37 2.33 2.26
CA ARG A 425 -11.52 1.84 3.00
C ARG A 425 -11.15 1.57 4.46
N ILE A 426 -9.96 1.03 4.70
CA ILE A 426 -9.50 0.82 6.07
C ILE A 426 -9.32 2.16 6.77
N TYR A 427 -8.87 3.19 6.04
CA TYR A 427 -8.59 4.47 6.68
C TYR A 427 -9.87 5.17 7.12
N THR A 428 -10.74 5.50 6.16
CA THR A 428 -12.04 6.09 6.48
C THR A 428 -12.71 5.36 7.63
N GLU A 429 -12.73 4.02 7.57
CA GLU A 429 -13.43 3.23 8.57
C GLU A 429 -12.74 3.28 9.93
N SER A 430 -11.41 3.23 9.95
CA SER A 430 -10.68 3.18 11.22
C SER A 430 -10.70 4.50 11.95
N ILE A 431 -10.91 5.62 11.25
CA ILE A 431 -10.97 6.91 11.92
C ILE A 431 -12.32 7.09 12.62
N GLU A 432 -13.41 6.75 11.94
CA GLU A 432 -14.75 6.96 12.49
C GLU A 432 -15.03 6.04 13.68
N SER A 433 -14.75 4.74 13.51
CA SER A 433 -15.30 3.69 14.37
C SER A 433 -14.29 3.09 15.35
N ILE A 434 -13.09 2.75 14.90
CA ILE A 434 -12.13 2.11 15.79
C ILE A 434 -11.43 3.17 16.64
N PRO A 435 -11.41 3.03 17.96
CA PRO A 435 -10.76 4.03 18.82
C PRO A 435 -9.27 3.76 19.00
N LYS A 436 -8.53 4.86 19.19
CA LYS A 436 -7.08 4.80 19.34
C LYS A 436 -6.71 4.24 20.71
N THR A 437 -7.10 3.00 20.97
CA THR A 437 -6.88 2.38 22.28
C THR A 437 -5.41 2.08 22.48
N ASN A 438 -4.96 2.11 23.74
CA ASN A 438 -3.63 1.63 24.07
C ASN A 438 -3.49 0.13 23.90
N GLU A 439 -4.61 -0.59 23.69
CA GLU A 439 -4.55 -2.00 23.32
C GLU A 439 -3.92 -2.17 21.94
N ASN A 440 -4.59 -1.66 20.90
CA ASN A 440 -4.10 -1.73 19.53
C ASN A 440 -3.28 -0.49 19.17
N LYS A 441 -2.18 -0.32 19.90
CA LYS A 441 -1.33 0.86 19.72
C LYS A 441 -0.57 0.82 18.40
N GLU A 442 -0.26 -0.38 17.90
CA GLU A 442 0.69 -0.53 16.80
C GLU A 442 0.03 -0.52 15.42
N ILE A 443 -1.17 -1.10 15.29
CA ILE A 443 -1.91 -0.97 14.04
C ILE A 443 -2.22 0.51 13.77
N TRP A 444 -2.38 1.30 14.84
CA TRP A 444 -2.60 2.74 14.68
C TRP A 444 -1.34 3.48 14.24
N GLY A 445 -0.17 2.89 14.44
CA GLY A 445 1.02 3.42 13.84
C GLY A 445 1.20 3.06 12.38
N VAL A 446 0.25 2.31 11.83
CA VAL A 446 0.35 1.81 10.46
C VAL A 446 -0.83 2.31 9.64
N VAL A 447 -1.96 2.61 10.30
CA VAL A 447 -3.07 3.23 9.59
C VAL A 447 -3.05 4.75 9.68
N GLU A 448 -2.15 5.33 10.47
CA GLU A 448 -1.90 6.76 10.39
C GLU A 448 -1.16 7.12 9.10
N THR A 449 -0.40 6.16 8.56
CA THR A 449 0.42 6.40 7.38
C THR A 449 -0.25 6.02 6.06
N ILE A 450 -1.46 5.42 6.09
CA ILE A 450 -2.17 5.13 4.85
C ILE A 450 -2.28 6.36 3.95
N PRO A 451 -2.67 7.55 4.45
CA PRO A 451 -2.59 8.74 3.58
C PRO A 451 -1.17 9.19 3.30
N SER A 452 -0.21 8.86 4.17
CA SER A 452 1.16 9.31 3.98
C SER A 452 1.84 8.60 2.81
N ALA A 453 1.50 7.33 2.58
CA ALA A 453 2.08 6.63 1.44
C ALA A 453 1.30 6.90 0.16
N CYS A 454 -0.01 7.16 0.29
CA CYS A 454 -0.80 7.70 -0.83
C CYS A 454 -0.07 8.87 -1.48
N PHE A 455 0.19 9.92 -0.70
CA PHE A 455 0.77 11.16 -1.22
C PHE A 455 2.20 10.97 -1.72
N ASN A 456 2.80 9.80 -1.51
CA ASN A 456 4.07 9.43 -2.11
C ASN A 456 3.90 8.81 -3.49
N LEU A 457 2.66 8.48 -3.88
CA LEU A 457 2.41 7.90 -5.20
C LEU A 457 2.72 8.90 -6.31
N TYR A 458 2.46 10.19 -6.07
CA TYR A 458 2.74 11.22 -7.06
C TYR A 458 4.16 11.09 -7.60
N TYR A 459 5.06 10.49 -6.81
CA TYR A 459 6.44 10.32 -7.24
C TYR A 459 6.54 9.34 -8.39
N ILE A 460 5.75 8.27 -8.37
CA ILE A 460 5.53 7.44 -9.55
C ILE A 460 4.81 8.33 -10.55
N ASN A 461 5.52 9.28 -11.14
CA ASN A 461 4.84 10.33 -11.88
C ASN A 461 4.05 9.71 -13.02
N ASP A 462 2.73 9.73 -12.90
CA ASP A 462 1.85 8.91 -13.72
C ASP A 462 0.51 9.63 -13.84
N LEU A 463 0.13 10.00 -15.06
CA LEU A 463 -1.07 10.80 -15.28
C LEU A 463 -2.32 10.16 -14.71
N GLU A 464 -2.32 8.85 -14.47
CA GLU A 464 -3.49 8.20 -13.90
C GLU A 464 -3.39 8.07 -12.39
N ILE A 465 -2.20 7.73 -11.87
CA ILE A 465 -2.06 7.53 -10.43
C ILE A 465 -2.38 8.82 -9.69
N ASN A 466 -1.83 9.94 -10.14
CA ASN A 466 -2.14 11.25 -9.60
C ASN A 466 -3.64 11.49 -9.62
N MET A 467 -4.22 11.64 -10.83
CA MET A 467 -5.63 11.97 -10.87
C MET A 467 -6.54 10.85 -10.28
N LYS A 468 -5.98 9.77 -9.71
CA LYS A 468 -6.73 8.89 -8.83
C LYS A 468 -6.57 9.24 -7.35
N VAL A 469 -5.33 9.52 -6.90
CA VAL A 469 -5.15 10.04 -5.55
C VAL A 469 -5.78 11.41 -5.42
N ASP A 470 -5.64 12.24 -6.47
CA ASP A 470 -6.37 13.50 -6.55
C ASP A 470 -7.85 13.29 -6.27
N LEU A 471 -8.50 12.42 -7.05
CA LEU A 471 -9.89 12.09 -6.81
C LEU A 471 -10.08 11.55 -5.39
N LEU A 472 -9.15 10.72 -4.92
CA LEU A 472 -9.26 10.08 -3.63
C LEU A 472 -9.20 11.09 -2.49
N THR A 473 -8.39 12.15 -2.66
CA THR A 473 -8.13 13.08 -1.57
C THR A 473 -9.40 13.78 -1.11
N PHE A 474 -10.15 14.38 -2.03
CA PHE A 474 -11.29 15.21 -1.65
C PHE A 474 -12.62 14.44 -1.62
N GLU A 475 -12.58 13.12 -1.73
CA GLU A 475 -13.79 12.30 -1.76
C GLU A 475 -13.93 11.39 -0.55
N LYS A 476 -12.88 10.60 -0.24
CA LYS A 476 -12.86 9.76 0.96
C LYS A 476 -12.04 10.39 2.08
N PHE A 477 -10.85 10.90 1.77
CA PHE A 477 -9.92 11.44 2.74
C PHE A 477 -10.47 12.71 3.41
N LEU A 478 -10.26 13.86 2.75
CA LEU A 478 -10.76 15.17 3.19
C LEU A 478 -11.96 15.55 2.34
N PRO A 479 -13.15 15.04 2.66
CA PRO A 479 -14.29 15.17 1.74
C PRO A 479 -14.86 16.59 1.72
N LEU A 480 -15.35 16.98 0.54
CA LEU A 480 -15.98 18.29 0.40
C LEU A 480 -17.16 18.42 1.35
N GLY A 481 -18.04 17.41 1.36
CA GLY A 481 -19.28 17.47 2.10
C GLY A 481 -19.18 17.44 3.61
N LEU A 482 -18.17 18.11 4.18
CA LEU A 482 -18.13 18.38 5.61
C LEU A 482 -17.85 19.86 5.82
N SER A 483 -17.80 20.28 7.08
CA SER A 483 -17.91 21.68 7.47
C SER A 483 -16.53 22.32 7.65
N ASN A 484 -16.52 23.57 8.12
CA ASN A 484 -15.29 24.31 8.30
C ASN A 484 -14.48 23.78 9.48
N GLU A 485 -15.13 23.22 10.49
CA GLU A 485 -14.40 22.61 11.60
C GLU A 485 -14.00 21.18 11.26
N GLU A 486 -14.87 20.45 10.56
CA GLU A 486 -14.59 19.06 10.19
C GLU A 486 -13.48 18.95 9.15
N PHE A 487 -13.22 20.01 8.40
CA PHE A 487 -12.15 20.01 7.42
C PHE A 487 -10.80 20.40 8.03
N VAL A 488 -10.82 21.16 9.13
CA VAL A 488 -9.59 21.53 9.83
C VAL A 488 -9.15 20.42 10.78
N GLN A 489 -10.10 19.66 11.33
CA GLN A 489 -9.73 18.54 12.18
C GLN A 489 -9.34 17.31 11.38
N ARG A 490 -9.66 17.28 10.08
CA ARG A 490 -9.21 16.19 9.21
C ARG A 490 -7.76 16.39 8.79
N LEU A 491 -7.48 17.52 8.12
CA LEU A 491 -6.13 17.85 7.66
C LEU A 491 -5.11 17.73 8.78
N LEU A 492 -5.52 17.96 10.03
CA LEU A 492 -4.59 17.97 11.16
C LEU A 492 -4.31 16.59 11.72
N THR A 493 -5.26 15.65 11.63
CA THR A 493 -4.96 14.25 11.90
C THR A 493 -4.45 13.53 10.67
N LEU A 494 -4.79 14.02 9.47
CA LEU A 494 -4.19 13.49 8.26
C LEU A 494 -2.69 13.78 8.24
N LEU A 495 -2.34 15.07 8.30
CA LEU A 495 -0.95 15.50 8.28
C LEU A 495 -0.18 15.10 9.54
N GLN A 496 -0.82 14.40 10.47
CA GLN A 496 -0.08 13.85 11.61
C GLN A 496 0.64 12.58 11.21
N GLY A 497 0.01 11.76 10.37
CA GLY A 497 0.59 10.54 9.86
C GLY A 497 1.59 10.68 8.74
N PHE A 498 1.85 11.91 8.28
CA PHE A 498 2.73 12.12 7.15
C PHE A 498 4.20 12.03 7.53
N ASN A 499 5.00 11.46 6.63
CA ASN A 499 6.45 11.48 6.68
C ASN A 499 6.96 12.75 6.01
N GLU A 500 8.28 12.90 5.92
CA GLU A 500 8.81 14.14 5.38
C GLU A 500 8.84 14.16 3.85
N LYS A 501 8.97 13.00 3.20
CA LYS A 501 8.89 12.99 1.74
C LYS A 501 7.46 13.01 1.22
N ALA A 502 6.47 12.98 2.11
CA ALA A 502 5.07 13.16 1.72
C ALA A 502 4.59 14.60 1.91
N PHE A 503 5.18 15.33 2.85
CA PHE A 503 4.91 16.75 2.96
C PHE A 503 5.37 17.49 1.70
N SER A 504 6.52 17.09 1.16
CA SER A 504 7.07 17.76 0.00
C SER A 504 6.27 17.50 -1.28
N SER A 505 5.36 16.54 -1.27
CA SER A 505 4.35 16.43 -2.33
C SER A 505 3.10 17.23 -1.99
N PHE A 506 2.71 17.21 -0.71
CA PHE A 506 1.53 17.93 -0.24
C PHE A 506 1.70 19.44 -0.37
N TYR A 507 2.92 19.93 -0.24
CA TYR A 507 3.17 21.34 -0.55
C TYR A 507 3.31 21.56 -2.06
N ALA A 508 3.79 20.55 -2.79
CA ALA A 508 3.74 20.61 -4.25
C ALA A 508 2.31 20.55 -4.75
N PHE A 509 1.42 19.87 -4.00
CA PHE A 509 0.01 19.79 -4.34
C PHE A 509 -0.65 21.16 -4.24
N ASN A 510 -0.28 21.94 -3.21
CA ASN A 510 -0.81 23.29 -3.03
C ASN A 510 -0.23 24.25 -4.06
N ARG A 511 1.04 24.06 -4.44
CA ARG A 511 1.64 24.91 -5.46
C ARG A 511 0.98 24.70 -6.82
N ARG A 512 0.67 23.45 -7.18
CA ARG A 512 -0.06 23.24 -8.42
C ARG A 512 -1.54 23.58 -8.27
N GLN A 513 -2.06 23.67 -7.04
CA GLN A 513 -3.40 24.18 -6.83
C GLN A 513 -3.50 25.63 -7.29
N ASP A 514 -2.62 26.48 -6.74
CA ASP A 514 -2.63 27.90 -7.07
C ASP A 514 -2.25 28.15 -8.53
N GLN A 515 -1.44 27.29 -9.13
CA GLN A 515 -1.08 27.47 -10.53
C GLN A 515 -2.25 27.12 -11.44
N MET A 516 -2.77 25.89 -11.32
CA MET A 516 -4.02 25.51 -11.95
C MET A 516 -5.09 26.57 -11.69
N SER A 517 -5.13 27.11 -10.47
CA SER A 517 -6.07 28.17 -10.13
C SER A 517 -6.03 29.28 -11.17
N THR A 518 -4.83 29.77 -11.51
CA THR A 518 -4.71 30.81 -12.51
C THR A 518 -4.77 30.26 -13.93
N VAL A 519 -4.50 28.96 -14.12
CA VAL A 519 -4.64 28.36 -15.44
C VAL A 519 -6.11 28.23 -15.82
N LEU A 520 -6.95 27.79 -14.87
CA LEU A 520 -8.39 27.74 -15.11
C LEU A 520 -8.95 29.15 -15.32
N TRP A 521 -8.54 30.11 -14.49
CA TRP A 521 -8.93 31.49 -14.70
C TRP A 521 -8.56 31.95 -16.11
N LYS A 522 -7.29 31.80 -16.48
CA LYS A 522 -6.84 32.15 -17.82
C LYS A 522 -7.67 31.43 -18.88
N PHE A 523 -8.16 30.23 -18.56
CA PHE A 523 -8.99 29.47 -19.50
C PHE A 523 -10.44 29.95 -19.49
N ILE A 524 -11.00 30.24 -18.31
CA ILE A 524 -12.29 30.93 -18.26
C ILE A 524 -12.16 32.33 -18.84
N GLU A 525 -10.92 32.86 -18.87
CA GLU A 525 -10.67 34.13 -19.55
C GLU A 525 -10.63 33.95 -21.07
N PHE A 526 -9.92 32.93 -21.56
CA PHE A 526 -9.91 32.64 -23.00
C PHE A 526 -11.29 32.25 -23.48
N CYS A 527 -12.04 31.51 -22.66
CA CYS A 527 -13.31 30.95 -23.08
C CYS A 527 -14.26 32.02 -23.61
N GLU A 528 -14.36 33.14 -22.91
CA GLU A 528 -15.28 34.20 -23.30
C GLU A 528 -14.66 35.20 -24.27
N GLU A 529 -13.36 35.06 -24.57
CA GLU A 529 -12.75 35.93 -25.57
C GLU A 529 -12.97 35.41 -26.97
N THR A 530 -12.86 34.09 -27.17
CA THR A 530 -13.14 33.52 -28.49
C THR A 530 -14.59 33.75 -28.88
N ASN A 531 -15.52 33.32 -28.02
CA ASN A 531 -16.94 33.61 -28.20
C ASN A 531 -17.22 35.08 -27.94
N SER A 532 -16.81 35.96 -28.85
CA SER A 532 -17.02 37.39 -28.66
C SER A 532 -17.10 38.08 -30.01
N GLN A 533 -17.85 39.18 -30.04
CA GLN A 533 -17.97 40.05 -31.20
C GLN A 533 -16.90 41.14 -31.22
N SER A 534 -16.02 41.18 -30.22
CA SER A 534 -14.95 42.17 -30.17
C SER A 534 -14.01 41.99 -31.37
N PRO A 535 -13.36 43.07 -31.81
CA PRO A 535 -12.37 42.92 -32.89
C PRO A 535 -11.15 42.11 -32.46
N ALA A 536 -10.69 42.29 -31.22
CA ALA A 536 -9.56 41.52 -30.70
C ALA A 536 -9.96 40.09 -30.31
N ALA A 537 -11.15 39.65 -30.69
CA ALA A 537 -11.64 38.33 -30.33
C ALA A 537 -11.36 37.27 -31.40
N SER A 538 -10.89 37.68 -32.57
CA SER A 538 -10.63 36.74 -33.67
C SER A 538 -9.21 36.20 -33.66
N LEU A 539 -8.23 36.99 -33.23
CA LEU A 539 -6.85 36.53 -33.08
C LEU A 539 -6.52 36.16 -31.65
N SER A 540 -7.52 36.12 -30.77
CA SER A 540 -7.35 35.68 -29.38
C SER A 540 -7.88 34.27 -29.17
N ASP A 541 -7.59 33.35 -30.08
CA ASP A 541 -8.11 31.99 -29.95
C ASP A 541 -7.03 30.92 -30.08
N THR A 542 -6.00 31.14 -30.90
CA THR A 542 -4.85 30.25 -30.85
C THR A 542 -4.19 30.29 -29.48
N LYS A 543 -4.42 31.36 -28.71
CA LYS A 543 -4.11 31.34 -27.28
C LYS A 543 -4.84 30.20 -26.58
N LEU A 544 -6.11 29.97 -26.95
CA LEU A 544 -6.89 28.91 -26.30
C LEU A 544 -6.45 27.52 -26.76
N ILE A 545 -6.01 27.38 -28.01
CA ILE A 545 -5.56 26.08 -28.51
C ILE A 545 -4.33 25.60 -27.73
N LYS A 546 -3.48 26.53 -27.30
CA LYS A 546 -2.32 26.17 -26.50
C LYS A 546 -2.63 26.02 -25.01
N THR A 547 -3.67 26.69 -24.50
CA THR A 547 -4.01 26.56 -23.08
C THR A 547 -4.81 25.29 -22.78
N VAL A 548 -5.40 24.67 -23.79
CA VAL A 548 -6.17 23.44 -23.58
C VAL A 548 -5.28 22.22 -23.72
N GLU A 549 -4.32 22.26 -24.66
CA GLU A 549 -3.38 21.17 -24.80
C GLU A 549 -2.51 21.03 -23.55
N TRP A 550 -2.22 22.14 -22.86
CA TRP A 550 -1.44 22.10 -21.64
C TRP A 550 -2.21 21.44 -20.51
N ILE A 551 -3.49 21.82 -20.33
CA ILE A 551 -4.30 21.19 -19.30
C ILE A 551 -4.49 19.70 -19.61
N SER A 552 -4.71 19.37 -20.90
CA SER A 552 -4.86 17.99 -21.36
C SER A 552 -3.51 17.28 -21.58
N SER A 553 -2.45 17.76 -20.95
CA SER A 553 -1.16 17.08 -20.93
C SER A 553 -0.73 16.65 -19.54
N GLY A 554 -1.56 16.90 -18.52
CA GLY A 554 -1.34 16.32 -17.21
C GLY A 554 -2.38 15.26 -16.93
N PHE A 555 -3.30 15.12 -17.87
CA PHE A 555 -4.35 14.13 -17.81
C PHE A 555 -3.95 12.88 -18.57
N PRO A 556 -4.53 11.73 -18.23
CA PRO A 556 -4.33 10.54 -19.07
C PRO A 556 -4.85 10.78 -20.48
N SER A 557 -4.07 10.32 -21.46
CA SER A 557 -4.38 10.65 -22.85
C SER A 557 -5.67 9.99 -23.34
N HIS A 558 -6.15 8.94 -22.67
CA HIS A 558 -7.30 8.21 -23.17
C HIS A 558 -8.63 8.87 -22.83
N LEU A 559 -8.63 10.01 -22.12
CA LEU A 559 -9.87 10.67 -21.72
C LEU A 559 -10.33 11.72 -22.71
N ASN A 560 -9.47 12.16 -23.63
CA ASN A 560 -9.78 13.22 -24.59
C ASN A 560 -10.21 14.50 -23.88
N VAL A 561 -9.36 14.97 -22.97
CA VAL A 561 -9.53 16.28 -22.37
C VAL A 561 -9.40 17.36 -23.45
N GLU A 562 -8.68 17.04 -24.52
CA GLU A 562 -8.52 17.96 -25.64
C GLU A 562 -9.87 18.35 -26.25
N GLN A 563 -10.77 17.38 -26.41
CA GLN A 563 -12.08 17.65 -26.98
C GLN A 563 -13.11 18.06 -25.94
N ILE A 564 -12.87 17.75 -24.66
CA ILE A 564 -13.80 18.11 -23.60
C ILE A 564 -13.72 19.61 -23.29
N LEU A 565 -12.52 20.18 -23.34
CA LEU A 565 -12.38 21.62 -23.21
C LEU A 565 -12.73 22.35 -24.50
N LEU A 566 -12.56 21.68 -25.65
CA LEU A 566 -12.86 22.32 -26.93
C LEU A 566 -14.33 22.24 -27.29
N ALA A 567 -15.09 21.35 -26.66
CA ALA A 567 -16.54 21.43 -26.73
C ALA A 567 -17.12 22.27 -25.60
N PHE A 568 -16.34 22.47 -24.53
CA PHE A 568 -16.79 23.37 -23.48
C PHE A 568 -16.72 24.83 -23.93
N ARG A 569 -15.69 25.18 -24.71
CA ARG A 569 -15.62 26.54 -25.25
C ARG A 569 -16.82 26.84 -26.13
N GLU A 570 -17.42 25.81 -26.72
CA GLU A 570 -18.64 25.99 -27.50
C GLU A 570 -19.86 26.14 -26.60
N LEU A 571 -20.08 25.15 -25.73
CA LEU A 571 -21.14 25.25 -24.72
C LEU A 571 -20.92 26.50 -23.88
N ASN A 572 -21.35 27.65 -24.40
CA ASN A 572 -21.00 28.93 -23.79
C ASN A 572 -21.97 29.34 -22.69
N ASP A 573 -22.40 28.39 -21.86
CA ASP A 573 -23.12 28.72 -20.64
C ASP A 573 -22.25 29.63 -19.77
N ARG A 574 -22.67 30.88 -19.58
CA ARG A 574 -21.99 31.74 -18.63
C ARG A 574 -22.19 31.25 -17.20
N ARG A 575 -23.23 30.45 -16.96
CA ARG A 575 -23.41 29.75 -15.70
C ARG A 575 -22.12 29.02 -15.29
N LEU A 576 -21.66 28.11 -16.15
CA LEU A 576 -20.40 27.41 -15.89
C LEU A 576 -19.23 28.38 -15.78
N TYR A 577 -19.25 29.48 -16.56
CA TYR A 577 -18.17 30.46 -16.49
C TYR A 577 -18.06 31.04 -15.09
N ARG A 578 -19.17 31.56 -14.55
CA ARG A 578 -19.11 32.29 -13.29
C ARG A 578 -18.68 31.38 -12.15
N LEU A 579 -19.15 30.13 -12.14
CA LEU A 579 -18.79 29.20 -11.08
C LEU A 579 -17.31 28.85 -11.09
N ILE A 580 -16.85 28.22 -12.19
CA ILE A 580 -15.45 27.81 -12.29
C ILE A 580 -14.53 28.96 -11.94
N LYS A 581 -14.75 30.11 -12.58
CA LYS A 581 -13.98 31.33 -12.33
C LYS A 581 -13.95 31.68 -10.84
N VAL A 582 -14.97 31.25 -10.08
CA VAL A 582 -15.08 31.51 -8.64
C VAL A 582 -14.67 30.27 -7.86
N ALA A 583 -14.88 29.09 -8.45
CA ALA A 583 -14.36 27.89 -7.83
C ALA A 583 -12.80 27.81 -7.83
N VAL A 584 -12.08 28.87 -8.24
CA VAL A 584 -10.62 28.87 -8.33
C VAL A 584 -10.05 30.11 -7.66
N ALA A 585 -10.90 31.08 -7.34
CA ALA A 585 -10.44 32.32 -6.72
C ALA A 585 -9.87 32.01 -5.35
N GLU A 586 -8.68 32.57 -5.07
CA GLU A 586 -8.02 32.32 -3.78
C GLU A 586 -8.71 33.00 -2.62
N THR A 587 -9.72 33.85 -2.88
CA THR A 587 -10.45 34.53 -1.82
C THR A 587 -11.78 33.86 -1.45
N SER A 588 -12.30 32.99 -2.31
CA SER A 588 -13.60 32.37 -2.05
C SER A 588 -13.55 31.57 -0.76
N LYS A 589 -14.44 31.89 0.18
CA LYS A 589 -14.46 31.24 1.50
C LYS A 589 -14.70 29.74 1.40
N HIS A 590 -14.68 29.06 2.55
CA HIS A 590 -14.89 27.62 2.58
C HIS A 590 -16.22 27.24 1.94
N LEU A 591 -17.27 27.99 2.24
CA LEU A 591 -18.59 27.61 1.76
C LEU A 591 -18.88 28.15 0.37
N THR A 592 -18.24 29.25 -0.02
CA THR A 592 -18.45 29.78 -1.37
C THR A 592 -17.89 28.84 -2.43
N VAL A 593 -16.67 28.33 -2.23
CA VAL A 593 -16.10 27.37 -3.17
C VAL A 593 -16.93 26.09 -3.21
N ARG A 594 -17.22 25.52 -2.04
CA ARG A 594 -18.03 24.31 -2.01
C ARG A 594 -19.40 24.52 -2.62
N ASN A 595 -19.98 25.73 -2.47
CA ASN A 595 -21.29 25.99 -3.06
C ASN A 595 -21.20 26.12 -4.58
N ALA A 596 -20.08 26.64 -5.09
CA ALA A 596 -19.91 26.82 -6.53
C ALA A 596 -19.50 25.56 -7.26
N VAL A 597 -18.89 24.58 -6.57
CA VAL A 597 -18.52 23.34 -7.23
C VAL A 597 -19.60 22.28 -7.12
N SER A 598 -20.61 22.49 -6.27
CA SER A 598 -21.73 21.56 -6.32
C SER A 598 -22.65 21.90 -7.48
N GLU A 599 -22.80 23.19 -7.79
CA GLU A 599 -23.61 23.59 -8.95
C GLU A 599 -22.88 23.30 -10.25
N LEU A 600 -21.54 23.37 -10.25
CA LEU A 600 -20.82 22.99 -11.47
C LEU A 600 -20.93 21.50 -11.72
N PHE A 601 -20.78 20.67 -10.69
CA PHE A 601 -20.99 19.24 -10.87
C PHE A 601 -22.46 18.93 -11.16
N LYS A 602 -23.38 19.67 -10.55
CA LYS A 602 -24.79 19.38 -10.77
C LYS A 602 -25.22 19.80 -12.17
N ARG A 603 -24.58 20.81 -12.75
CA ARG A 603 -24.97 21.28 -14.08
C ARG A 603 -24.14 20.65 -15.19
N LEU A 604 -22.95 20.12 -14.89
CA LEU A 604 -22.21 19.32 -15.87
C LEU A 604 -22.63 17.86 -15.73
N GLU A 605 -23.89 17.66 -15.35
CA GLU A 605 -24.48 16.33 -15.28
C GLU A 605 -25.83 16.31 -16.00
N GLU A 606 -26.51 17.46 -16.05
CA GLU A 606 -27.80 17.58 -16.72
C GLU A 606 -27.73 16.95 -18.11
N PRO A 607 -28.68 16.07 -18.48
CA PRO A 607 -28.52 15.33 -19.75
C PRO A 607 -28.54 16.22 -20.99
N GLU A 608 -29.47 17.17 -21.05
CA GLU A 608 -29.69 17.95 -22.25
C GLU A 608 -28.59 18.97 -22.54
N LEU A 609 -27.72 19.25 -21.56
CA LEU A 609 -26.84 20.42 -21.65
C LEU A 609 -26.03 20.46 -22.94
N PHE A 610 -25.70 19.31 -23.52
CA PHE A 610 -24.87 19.27 -24.73
C PHE A 610 -25.68 19.16 -26.02
N ARG A 611 -26.94 18.75 -25.95
CA ARG A 611 -27.82 18.80 -27.10
C ARG A 611 -28.80 19.97 -27.07
N LYS A 612 -29.11 20.49 -25.87
CA LYS A 612 -29.98 21.65 -25.74
C LYS A 612 -29.36 22.86 -26.42
N LYS A 613 -28.10 23.15 -26.09
CA LYS A 613 -27.35 24.23 -26.76
C LYS A 613 -27.03 23.92 -28.19
N ASN A 614 -27.27 22.67 -28.62
CA ASN A 614 -27.04 22.16 -29.97
C ASN A 614 -25.54 21.98 -30.26
N ILE A 615 -24.93 20.95 -29.68
CA ILE A 615 -23.53 20.61 -29.90
C ILE A 615 -23.43 19.11 -30.17
N LYS A 616 -22.78 18.75 -31.27
CA LYS A 616 -22.69 17.36 -31.70
C LYS A 616 -21.53 16.64 -31.00
N ILE A 617 -21.80 15.45 -30.49
CA ILE A 617 -20.77 14.56 -29.96
C ILE A 617 -20.88 13.22 -30.68
N GLU A 618 -19.75 12.74 -31.20
CA GLU A 618 -19.73 11.34 -31.65
C GLU A 618 -18.64 10.62 -30.87
N SER A 619 -17.59 10.18 -31.55
CA SER A 619 -16.45 9.58 -30.88
C SER A 619 -15.49 10.62 -30.32
N ARG A 620 -15.97 11.85 -30.11
CA ARG A 620 -15.14 12.89 -29.52
C ARG A 620 -14.77 12.53 -28.08
N PHE A 621 -15.77 12.36 -27.22
CA PHE A 621 -15.55 12.04 -25.82
C PHE A 621 -16.84 11.48 -25.24
N THR A 622 -16.71 10.77 -24.13
CA THR A 622 -17.85 10.23 -23.40
C THR A 622 -18.32 11.26 -22.38
N ARG A 623 -19.65 11.36 -22.20
CA ARG A 623 -20.16 12.31 -21.22
C ARG A 623 -19.91 11.87 -19.79
N ASP A 624 -19.71 10.57 -19.57
CA ASP A 624 -19.17 10.15 -18.28
C ASP A 624 -17.76 10.70 -18.09
N ASN A 625 -16.99 10.76 -19.18
CA ASN A 625 -15.65 11.35 -19.14
C ASN A 625 -15.68 12.87 -19.24
N PHE A 626 -16.76 13.46 -19.76
CA PHE A 626 -16.92 14.91 -19.66
C PHE A 626 -17.09 15.33 -18.20
N SER A 627 -18.04 14.71 -17.50
CA SER A 627 -18.28 15.05 -16.10
C SER A 627 -17.12 14.66 -15.20
N THR A 628 -16.25 13.76 -15.65
CA THR A 628 -15.15 13.27 -14.83
C THR A 628 -13.90 14.13 -14.93
N VAL A 629 -13.65 14.78 -16.06
CA VAL A 629 -12.51 15.69 -16.14
C VAL A 629 -12.69 16.87 -15.18
N PHE A 630 -13.81 17.57 -15.30
CA PHE A 630 -14.03 18.76 -14.48
C PHE A 630 -14.13 18.44 -13.00
N ARG A 631 -14.42 17.19 -12.64
CA ARG A 631 -14.23 16.76 -11.26
C ARG A 631 -12.75 16.82 -10.88
N VAL A 632 -11.89 16.31 -11.77
CA VAL A 632 -10.47 16.33 -11.47
C VAL A 632 -9.87 17.71 -11.77
N LEU A 633 -10.37 18.40 -12.79
CA LEU A 633 -9.88 19.74 -13.05
C LEU A 633 -10.25 20.72 -11.94
N ILE A 634 -11.26 20.42 -11.14
CA ILE A 634 -11.63 21.24 -10.00
C ILE A 634 -10.87 20.84 -8.74
N TYR A 635 -10.81 19.54 -8.46
CA TYR A 635 -10.03 19.10 -7.29
C TYR A 635 -8.57 19.54 -7.40
N ARG A 636 -8.10 19.93 -8.58
CA ARG A 636 -6.73 20.40 -8.76
C ARG A 636 -6.60 21.91 -8.58
N ALA A 637 -7.59 22.69 -9.01
CA ALA A 637 -7.45 24.13 -9.10
C ALA A 637 -8.26 24.90 -8.06
N ALA A 638 -8.97 24.23 -7.20
CA ALA A 638 -9.81 24.88 -6.20
C ALA A 638 -9.03 25.11 -4.91
N PRO A 639 -9.17 26.30 -4.30
CA PRO A 639 -8.59 26.50 -2.97
C PRO A 639 -9.42 25.81 -1.89
N ILE A 640 -8.99 24.62 -1.47
CA ILE A 640 -9.66 23.87 -0.40
C ILE A 640 -8.68 23.69 0.76
N ILE A 641 -7.57 23.01 0.49
CA ILE A 641 -6.61 22.68 1.55
C ILE A 641 -6.02 23.96 2.14
N PHE A 642 -5.60 24.89 1.28
CA PHE A 642 -5.17 26.21 1.73
C PHE A 642 -6.21 27.26 1.40
N ASN A 643 -7.45 27.03 1.82
CA ASN A 643 -8.51 27.99 1.58
C ASN A 643 -8.55 29.01 2.72
N ILE A 644 -8.96 30.23 2.38
CA ILE A 644 -8.86 31.37 3.29
C ILE A 644 -9.67 31.19 4.58
N SER A 645 -10.69 30.33 4.58
CA SER A 645 -11.48 30.14 5.79
C SER A 645 -10.78 29.29 6.84
N ASN A 646 -9.68 28.64 6.50
CA ASN A 646 -8.93 27.82 7.45
C ASN A 646 -7.83 28.61 8.15
N LEU A 647 -7.58 29.86 7.77
CA LEU A 647 -6.50 30.63 8.36
C LEU A 647 -6.64 30.81 9.88
N PRO A 648 -7.83 31.03 10.47
CA PRO A 648 -7.90 31.14 11.93
C PRO A 648 -7.44 29.87 12.62
N SER A 649 -8.10 28.75 12.30
CA SER A 649 -7.83 27.49 12.98
C SER A 649 -6.38 27.05 12.89
N PHE A 650 -5.58 27.66 12.03
CA PHE A 650 -4.15 27.42 12.00
C PHE A 650 -3.37 28.32 12.94
N LEU A 651 -3.93 29.48 13.29
CA LEU A 651 -3.20 30.53 14.01
C LEU A 651 -3.36 30.48 15.52
N ASN A 652 -4.33 29.71 16.04
CA ASN A 652 -4.49 29.48 17.47
C ASN A 652 -4.71 27.99 17.70
N THR A 653 -4.61 27.56 18.95
CA THR A 653 -4.53 26.13 19.24
C THR A 653 -5.23 25.76 20.54
N SER A 654 -5.60 24.49 20.64
CA SER A 654 -6.04 23.88 21.90
C SER A 654 -5.96 22.35 21.83
N ASN A 658 -1.46 19.26 22.76
CA ASN A 658 -0.68 18.36 21.92
C ASN A 658 0.36 19.14 21.10
N GLU A 659 1.64 18.96 21.44
CA GLU A 659 2.71 19.76 20.85
C GLU A 659 2.74 19.61 19.33
N ASP A 660 2.68 18.37 18.83
CA ASP A 660 2.77 18.12 17.39
C ASP A 660 1.76 18.96 16.60
N GLU A 661 0.53 19.02 17.10
CA GLU A 661 -0.48 19.86 16.45
C GLU A 661 -0.05 21.31 16.38
N LYS A 662 0.54 21.83 17.46
CA LYS A 662 0.90 23.24 17.51
C LYS A 662 2.04 23.56 16.55
N ALA A 663 2.98 22.64 16.37
CA ALA A 663 4.06 22.83 15.41
C ALA A 663 3.69 22.40 14.00
N LEU A 664 2.60 21.64 13.83
CA LEU A 664 2.08 21.37 12.50
C LEU A 664 1.31 22.56 11.95
N LYS A 665 0.57 23.25 12.81
CA LYS A 665 -0.01 24.53 12.42
C LYS A 665 1.08 25.57 12.17
N ARG A 666 2.14 25.55 12.98
CA ARG A 666 3.30 26.38 12.68
C ARG A 666 3.82 26.15 11.26
N GLN A 667 3.82 24.90 10.81
CA GLN A 667 4.49 24.56 9.56
C GLN A 667 3.67 24.97 8.34
N LEU A 668 2.36 24.75 8.36
CA LEU A 668 1.55 25.14 7.23
C LEU A 668 1.53 26.67 7.06
N ILE A 669 1.43 27.41 8.17
CA ILE A 669 1.41 28.87 8.10
C ILE A 669 2.60 29.38 7.29
N ASP A 670 3.77 28.73 7.43
CA ASP A 670 4.95 29.19 6.69
C ASP A 670 4.80 28.92 5.21
N ASN A 671 4.21 27.78 4.84
CA ASN A 671 3.94 27.53 3.43
C ASN A 671 2.72 28.31 2.94
N ILE A 672 1.78 28.63 3.83
CA ILE A 672 0.74 29.59 3.45
C ILE A 672 1.35 30.95 3.17
N SER A 673 2.32 31.38 3.98
CA SER A 673 3.00 32.65 3.73
C SER A 673 3.77 32.60 2.42
N ILE A 674 4.42 31.48 2.11
CA ILE A 674 5.21 31.36 0.89
C ILE A 674 4.30 31.19 -0.32
N ILE A 675 3.45 30.17 -0.30
CA ILE A 675 2.73 29.76 -1.51
C ILE A 675 1.71 30.83 -1.92
N LYS A 676 0.83 31.21 -1.00
CA LYS A 676 -0.24 32.17 -1.29
C LYS A 676 -0.28 33.24 -0.21
N PRO A 677 0.36 34.39 -0.42
CA PRO A 677 0.24 35.46 0.58
C PRO A 677 -1.15 36.10 0.63
N GLY A 678 -1.89 36.10 -0.47
CA GLY A 678 -3.11 36.89 -0.55
C GLY A 678 -4.16 36.51 0.48
N ILE A 679 -4.13 35.27 0.96
CA ILE A 679 -5.06 34.77 1.96
C ILE A 679 -4.94 35.51 3.30
N PHE A 680 -3.89 36.31 3.48
CA PHE A 680 -3.63 37.01 4.73
C PHE A 680 -4.26 38.38 4.81
N LYS A 681 -4.87 38.87 3.73
CA LYS A 681 -5.32 40.26 3.63
C LYS A 681 -6.27 40.69 4.75
N ASP A 682 -6.73 39.74 5.57
CA ASP A 682 -7.64 40.05 6.67
C ASP A 682 -7.06 39.73 8.05
N GLN A 683 -5.80 39.28 8.12
CA GLN A 683 -5.14 39.00 9.38
C GLN A 683 -3.82 39.75 9.50
N VAL A 684 -3.73 40.92 8.86
CA VAL A 684 -2.51 41.71 8.94
C VAL A 684 -2.56 42.69 10.11
N LYS A 685 -3.71 43.30 10.37
CA LYS A 685 -3.83 44.23 11.49
C LYS A 685 -3.67 43.48 12.82
N ASN A 686 -4.29 42.31 12.93
CA ASN A 686 -4.13 41.47 14.10
C ASN A 686 -2.69 40.96 14.26
N LEU A 687 -1.89 41.02 13.19
CA LEU A 687 -0.57 40.41 13.16
C LEU A 687 0.56 41.40 13.37
N VAL A 688 0.38 42.66 12.94
CA VAL A 688 1.37 43.69 13.24
C VAL A 688 1.26 44.17 14.68
N THR A 689 0.24 43.71 15.41
CA THR A 689 0.04 44.04 16.81
C THR A 689 0.60 43.00 17.77
N ILE A 690 0.51 41.70 17.44
CA ILE A 690 1.24 40.70 18.21
C ILE A 690 2.74 40.96 18.14
N ILE A 691 3.20 41.58 17.06
CA ILE A 691 4.59 42.02 16.98
C ILE A 691 4.88 43.08 18.04
N THR A 692 3.91 43.94 18.31
CA THR A 692 4.05 44.96 19.36
C THR A 692 3.39 44.51 20.66
N THR A 702 -0.04 30.54 17.94
CA THR A 702 0.54 29.35 17.31
C THR A 702 1.96 29.65 16.85
N LEU A 703 2.11 30.76 16.14
CA LEU A 703 3.43 31.27 15.78
C LEU A 703 3.88 32.30 16.80
N SER A 704 5.18 32.29 17.11
CA SER A 704 5.71 33.07 18.21
C SER A 704 5.87 34.54 17.86
N LEU A 705 6.86 35.20 18.45
CA LEU A 705 7.05 36.63 18.27
C LEU A 705 7.91 36.95 17.05
N ALA A 706 8.86 36.08 16.71
CA ALA A 706 9.62 36.24 15.49
C ALA A 706 8.84 35.78 14.26
N GLU A 707 8.13 34.67 14.39
CA GLU A 707 7.38 34.13 13.25
C GLU A 707 6.23 35.03 12.82
N ALA A 708 5.85 36.01 13.64
CA ALA A 708 4.94 37.05 13.18
C ALA A 708 5.67 38.15 12.42
N MET A 709 6.97 38.32 12.68
CA MET A 709 7.80 39.21 11.89
C MET A 709 8.26 38.57 10.58
N ARG A 710 8.31 37.24 10.51
CA ARG A 710 8.63 36.54 9.27
C ARG A 710 7.41 36.43 8.36
N THR A 711 6.28 35.99 8.91
CA THR A 711 5.05 35.88 8.12
C THR A 711 4.70 37.21 7.49
N VAL A 712 4.62 38.26 8.31
CA VAL A 712 4.33 39.60 7.78
C VAL A 712 5.39 40.02 6.78
N TYR A 713 6.60 39.50 6.89
CA TYR A 713 7.63 39.77 5.88
C TYR A 713 7.29 39.10 4.56
N LYS A 714 7.02 37.78 4.58
CA LYS A 714 6.67 37.06 3.36
C LYS A 714 5.51 37.71 2.62
N ILE A 715 4.62 38.38 3.34
CA ILE A 715 3.48 39.06 2.74
C ILE A 715 3.87 40.45 2.24
N SER A 716 4.71 41.17 3.00
CA SER A 716 5.00 42.57 2.68
C SER A 716 5.55 42.74 1.27
N LYS A 717 6.20 41.72 0.71
CA LYS A 717 6.55 41.72 -0.70
C LYS A 717 5.31 41.50 -1.57
N THR A 729 2.72 52.69 12.04
CA THR A 729 3.38 53.91 12.48
C THR A 729 4.30 53.64 13.67
N PHE A 730 3.72 53.41 14.85
CA PHE A 730 4.52 53.13 16.03
C PHE A 730 5.19 51.76 15.93
N PHE A 731 4.55 50.81 15.25
CA PHE A 731 5.10 49.46 15.10
C PHE A 731 6.52 49.46 14.55
N PHE A 732 6.92 50.54 13.86
CA PHE A 732 8.29 50.63 13.35
C PHE A 732 9.30 50.94 14.46
N GLN A 733 8.89 51.67 15.50
CA GLN A 733 9.79 51.95 16.62
C GLN A 733 9.87 50.79 17.60
N LYS A 734 8.81 49.97 17.69
CA LYS A 734 8.93 48.70 18.40
C LYS A 734 9.74 47.70 17.58
N LEU A 735 9.72 47.85 16.25
CA LEU A 735 10.53 47.00 15.38
C LEU A 735 12.00 47.40 15.40
N GLU A 736 12.27 48.68 15.67
CA GLU A 736 13.64 49.12 15.91
C GLU A 736 14.21 48.45 17.15
N ASP A 737 13.35 48.05 18.09
CA ASP A 737 13.80 47.39 19.31
C ASP A 737 14.34 45.99 19.03
N TYR A 738 13.78 45.30 18.03
CA TYR A 738 14.18 43.91 17.80
C TYR A 738 15.48 43.83 17.01
N ALA A 739 15.67 44.71 16.03
CA ALA A 739 16.93 44.74 15.33
C ALA A 739 18.09 45.22 16.20
N LYS A 740 17.83 45.63 17.44
CA LYS A 740 18.85 46.05 18.39
C LYS A 740 19.03 45.08 19.55
N GLU A 741 17.94 44.49 20.06
CA GLU A 741 18.03 43.55 21.17
C GLU A 741 17.38 42.20 20.91
N GLY A 742 16.56 42.04 19.88
CA GLY A 742 15.97 40.74 19.60
C GLY A 742 17.03 39.69 19.33
N ASN A 743 16.69 38.44 19.61
CA ASN A 743 17.61 37.34 19.33
C ASN A 743 17.69 37.12 17.82
N PRO A 744 18.77 36.46 17.33
CA PRO A 744 19.08 36.46 15.89
C PRO A 744 17.89 36.37 14.95
N LEU A 745 17.00 35.40 15.18
CA LEU A 745 15.84 35.25 14.32
C LEU A 745 14.93 36.47 14.38
N GLU A 746 14.70 37.00 15.58
CA GLU A 746 13.86 38.19 15.72
C GLU A 746 14.44 39.39 14.98
N ALA A 747 15.77 39.54 15.04
CA ALA A 747 16.39 40.72 14.47
C ALA A 747 16.42 40.67 12.95
N LYS A 748 16.80 39.51 12.38
CA LYS A 748 16.86 39.38 10.93
C LYS A 748 15.51 39.69 10.28
N TYR A 749 14.42 39.42 10.98
CA TYR A 749 13.08 39.68 10.46
C TYR A 749 12.44 40.92 11.08
N ALA A 750 13.21 41.70 11.84
CA ALA A 750 12.85 43.06 12.16
C ALA A 750 13.60 44.06 11.30
N ILE A 751 14.88 43.79 11.00
CA ILE A 751 15.67 44.62 10.10
C ILE A 751 15.38 44.30 8.63
N LYS A 752 14.76 43.16 8.34
CA LYS A 752 14.25 42.90 7.00
C LYS A 752 12.97 43.68 6.76
N LEU A 753 12.09 43.71 7.75
CA LEU A 753 10.86 44.49 7.64
C LEU A 753 11.16 45.99 7.61
N LEU A 754 11.95 46.48 8.58
CA LEU A 754 12.34 47.88 8.59
C LEU A 754 12.93 48.30 7.25
N GLY A 755 13.64 47.39 6.59
CA GLY A 755 14.22 47.61 5.27
C GLY A 755 13.23 47.58 4.12
N LEU A 756 11.97 47.24 4.40
CA LEU A 756 10.94 47.17 3.36
C LEU A 756 10.24 48.50 3.11
N ALA A 757 10.05 49.31 4.16
CA ALA A 757 9.43 50.62 3.99
C ALA A 757 10.34 51.54 3.17
N PRO A 758 9.76 52.49 2.43
CA PRO A 758 10.59 53.34 1.54
C PRO A 758 11.65 54.17 2.25
N ASN A 759 11.57 54.35 3.57
CA ASN A 759 12.64 55.02 4.30
C ASN A 759 13.43 54.02 5.15
N ALA A 760 13.95 52.98 4.49
CA ALA A 760 14.87 52.07 5.15
C ALA A 760 16.19 52.73 5.48
N ALA A 761 16.53 53.83 4.79
CA ALA A 761 17.72 54.58 5.14
C ALA A 761 17.63 55.11 6.57
N GLU A 762 16.52 55.74 6.91
CA GLU A 762 16.31 56.33 8.24
C GLU A 762 15.96 55.27 9.31
N TYR A 763 16.16 53.98 9.02
CA TYR A 763 15.89 52.91 9.97
C TYR A 763 17.07 51.96 10.04
N LEU A 764 17.49 51.44 8.87
CA LEU A 764 18.63 50.52 8.82
C LEU A 764 19.88 51.17 9.38
N SER A 765 20.15 52.43 8.98
CA SER A 765 21.35 53.12 9.45
C SER A 765 21.22 53.60 10.89
N GLU A 766 20.01 53.68 11.43
CA GLU A 766 19.83 53.90 12.86
C GLU A 766 19.87 52.59 13.63
N VAL A 767 19.98 51.45 12.95
CA VAL A 767 20.29 50.18 13.58
C VAL A 767 21.76 49.87 13.31
N ALA A 768 22.29 50.39 12.19
CA ALA A 768 23.72 50.34 11.94
C ALA A 768 24.44 51.13 13.01
N THR A 769 24.57 52.44 12.81
CA THR A 769 25.31 53.30 13.74
C THR A 769 24.63 53.38 15.10
N ALA A 770 23.98 52.31 15.53
CA ALA A 770 23.50 52.15 16.89
C ALA A 770 23.95 50.86 17.54
N ILE A 771 24.39 49.86 16.77
CA ILE A 771 25.08 48.71 17.34
C ILE A 771 26.58 48.87 17.22
N LEU A 772 27.08 49.23 16.04
CA LEU A 772 28.51 49.16 15.77
C LEU A 772 29.19 50.50 16.05
N PRO A 773 30.52 50.49 16.28
CA PRO A 773 31.48 49.37 16.29
C PRO A 773 31.13 48.25 17.28
N LEU A 774 31.43 47.01 16.89
CA LEU A 774 30.82 45.84 17.50
C LEU A 774 31.16 45.71 18.99
N ASP A 775 30.13 45.49 19.80
CA ASP A 775 30.30 45.24 21.24
C ASP A 775 30.57 43.74 21.40
N LEU A 776 31.86 43.38 21.51
CA LEU A 776 32.24 41.98 21.33
C LEU A 776 31.74 41.10 22.47
N LYS A 777 31.76 41.60 23.71
CA LYS A 777 31.23 40.86 24.85
C LYS A 777 30.04 41.62 25.42
N SER A 778 28.92 41.59 24.69
CA SER A 778 27.67 42.15 25.15
C SER A 778 26.58 41.09 25.03
N LYS A 779 25.35 41.51 25.33
CA LYS A 779 24.18 40.67 25.18
C LYS A 779 24.07 40.14 23.76
N HIS A 780 23.71 41.02 22.83
CA HIS A 780 23.34 40.63 21.49
C HIS A 780 24.50 40.73 20.51
N PHE A 781 25.67 40.20 20.85
CA PHE A 781 26.75 40.22 19.87
C PHE A 781 26.42 39.36 18.66
N ALA A 782 25.81 38.20 18.89
CA ALA A 782 25.38 37.34 17.78
C ALA A 782 24.45 38.09 16.86
N SER A 783 23.29 38.49 17.38
CA SER A 783 22.25 39.10 16.57
C SER A 783 22.67 40.42 15.94
N ASN A 784 23.70 41.08 16.47
CA ASN A 784 24.15 42.32 15.85
C ASN A 784 25.01 42.05 14.63
N VAL A 785 25.74 40.93 14.60
CA VAL A 785 26.43 40.52 13.37
C VAL A 785 25.41 40.23 12.28
N LEU A 786 24.32 39.55 12.64
CA LEU A 786 23.31 39.16 11.66
C LEU A 786 22.60 40.38 11.08
N VAL A 787 22.27 41.36 11.92
CA VAL A 787 21.72 42.60 11.40
C VAL A 787 22.71 43.24 10.43
N LEU A 788 24.00 43.25 10.80
CA LEU A 788 25.02 43.79 9.90
C LEU A 788 25.18 42.93 8.65
N ALA A 789 24.92 41.62 8.78
CA ALA A 789 24.98 40.76 7.60
C ALA A 789 23.86 41.09 6.62
N GLU A 790 22.64 41.29 7.14
CA GLU A 790 21.49 41.59 6.29
C GLU A 790 21.44 43.04 5.83
N ILE A 791 22.21 43.94 6.45
CA ILE A 791 22.29 45.31 5.92
C ILE A 791 23.29 45.37 4.78
N THR A 792 24.40 44.63 4.89
CA THR A 792 25.33 44.51 3.76
C THR A 792 24.61 44.02 2.51
N LYS A 793 23.51 43.29 2.70
CA LYS A 793 22.69 42.77 1.62
C LYS A 793 21.71 43.83 1.10
N MET A 794 21.03 44.52 2.02
CA MET A 794 19.91 45.39 1.65
C MET A 794 20.39 46.73 1.09
N GLN A 795 21.09 47.52 1.90
CA GLN A 795 21.68 48.78 1.45
C GLN A 795 23.14 48.80 1.86
N PRO A 796 24.02 48.14 1.09
CA PRO A 796 25.43 48.05 1.48
C PRO A 796 26.14 49.38 1.50
N GLN A 797 25.55 50.42 0.92
CA GLN A 797 26.08 51.77 1.06
C GLN A 797 26.20 52.16 2.53
N LEU A 798 25.28 51.66 3.37
CA LEU A 798 25.26 52.05 4.78
C LEU A 798 26.47 51.53 5.55
N LEU A 799 27.10 50.46 5.07
CA LEU A 799 28.25 49.87 5.74
C LEU A 799 29.57 50.17 5.04
N GLU A 800 29.54 50.92 3.93
CA GLU A 800 30.71 51.28 3.13
C GLU A 800 31.91 51.71 3.96
N LYS A 801 31.63 52.36 5.09
CA LYS A 801 32.64 53.02 5.90
C LYS A 801 33.26 52.09 6.95
N ASP A 802 32.58 51.02 7.34
CA ASP A 802 33.07 50.13 8.37
C ASP A 802 33.24 48.69 7.93
N SER A 803 32.96 48.35 6.67
CA SER A 803 32.89 46.94 6.29
C SER A 803 34.25 46.31 6.08
N THR A 804 35.34 47.09 6.10
CA THR A 804 36.68 46.54 6.27
C THR A 804 37.24 46.79 7.66
N GLU A 805 36.48 47.47 8.52
CA GLU A 805 36.83 47.60 9.93
C GLU A 805 36.22 46.48 10.78
N ILE A 806 35.06 45.96 10.36
CA ILE A 806 34.45 44.81 11.02
C ILE A 806 35.06 43.51 10.53
N VAL A 807 35.40 43.45 9.23
CA VAL A 807 35.88 42.20 8.64
C VAL A 807 37.23 41.82 9.22
N GLY A 808 38.11 42.80 9.43
CA GLY A 808 39.34 42.53 10.15
C GLY A 808 39.13 42.13 11.60
N LEU A 809 37.92 42.35 12.13
CA LEU A 809 37.54 41.95 13.49
C LEU A 809 36.93 40.55 13.49
N LEU A 810 35.87 40.36 12.70
CA LEU A 810 35.21 39.05 12.67
C LEU A 810 36.12 37.96 12.14
N ILE A 811 37.08 38.32 11.27
CA ILE A 811 38.10 37.35 10.86
C ILE A 811 39.07 37.08 12.00
N LYS A 812 39.22 38.04 12.91
CA LYS A 812 40.14 37.90 14.04
C LYS A 812 39.47 37.23 15.23
N ASP A 813 38.44 37.86 15.79
CA ASP A 813 37.89 37.46 17.07
C ASP A 813 36.63 36.59 16.96
N VAL A 814 36.40 35.93 15.82
CA VAL A 814 35.28 35.01 15.71
C VAL A 814 35.70 33.74 14.99
N LEU A 815 36.31 33.88 13.81
CA LEU A 815 36.67 32.73 13.00
C LEU A 815 38.06 32.18 13.37
N LEU A 816 39.11 33.00 13.23
CA LEU A 816 40.45 32.61 13.66
C LEU A 816 40.70 32.91 15.13
N SER A 817 39.70 32.71 15.97
CA SER A 817 39.83 32.73 17.43
C SER A 817 38.56 32.15 18.03
N ASN A 818 38.69 31.63 19.25
CA ASN A 818 37.59 30.92 19.90
C ASN A 818 37.50 31.34 21.35
N ASP A 819 36.33 31.89 21.73
CA ASP A 819 36.02 32.06 23.14
C ASP A 819 35.48 30.79 23.78
N VAL A 820 35.21 29.76 22.97
CA VAL A 820 34.91 28.41 23.44
C VAL A 820 35.84 27.46 22.70
N VAL A 821 36.52 26.59 23.45
CA VAL A 821 37.57 25.77 22.86
C VAL A 821 37.26 24.29 23.05
N GLY A 822 37.42 23.80 24.29
CA GLY A 822 37.35 22.38 24.55
C GLY A 822 35.95 21.83 24.47
N ASP A 823 35.88 20.49 24.45
CA ASP A 823 34.62 19.77 24.40
C ASP A 823 34.34 19.15 25.76
N GLU A 824 33.12 19.37 26.27
CA GLU A 824 32.61 18.53 27.33
C GLU A 824 32.05 17.24 26.72
N ASP A 825 31.45 16.40 27.55
CA ASP A 825 30.86 15.16 27.07
C ASP A 825 29.33 15.19 27.04
N ASP A 826 28.69 16.21 27.60
CA ASP A 826 27.24 16.37 27.52
C ASP A 826 26.86 17.43 26.49
N GLN A 827 27.37 17.29 25.27
CA GLN A 827 27.14 18.29 24.22
C GLN A 827 26.51 17.65 23.00
N GLN A 828 25.68 18.44 22.31
CA GLN A 828 24.99 17.98 21.12
C GLN A 828 25.97 17.54 20.05
N ALA A 829 25.45 16.74 19.11
CA ALA A 829 26.23 16.34 17.93
C ALA A 829 26.11 17.34 16.79
N TRP A 830 25.07 18.18 16.79
CA TRP A 830 24.77 19.01 15.63
C TRP A 830 23.75 20.08 16.01
N PHE A 831 23.96 21.29 15.50
CA PHE A 831 22.99 22.38 15.63
C PHE A 831 22.36 22.65 14.26
N SER A 832 21.04 22.54 14.17
CA SER A 832 20.34 22.92 12.96
C SER A 832 19.91 24.38 13.05
N ASP A 833 20.04 25.10 11.93
CA ASP A 833 19.82 26.54 11.80
C ASP A 833 18.82 27.09 12.80
N GLU A 834 17.75 26.33 13.06
CA GLU A 834 16.84 26.62 14.16
C GLU A 834 17.59 27.06 15.43
N ASP A 835 18.59 26.29 15.82
CA ASP A 835 19.33 26.57 17.05
C ASP A 835 20.04 27.92 16.99
N ILE A 836 21.03 28.03 16.10
CA ILE A 836 21.89 29.20 16.03
C ILE A 836 21.13 30.51 15.84
N TYR A 837 19.83 30.47 15.53
CA TYR A 837 19.02 31.68 15.53
C TYR A 837 18.25 31.89 16.82
N THR A 838 17.98 30.82 17.58
CA THR A 838 17.36 30.93 18.90
C THR A 838 18.36 31.30 19.99
N GLY A 839 19.65 31.32 19.66
CA GLY A 839 20.69 31.73 20.59
C GLY A 839 21.36 30.61 21.37
N LYS A 840 20.98 29.35 21.11
CA LYS A 840 21.39 28.25 21.97
C LYS A 840 22.91 28.13 22.06
N ALA A 841 23.59 28.15 20.93
CA ALA A 841 25.05 28.10 20.90
C ALA A 841 25.57 29.44 20.35
N ASP A 842 25.39 30.49 21.16
CA ASP A 842 25.65 31.86 20.72
C ASP A 842 27.09 32.11 20.33
N ALA A 843 27.99 31.14 20.52
CA ALA A 843 29.35 31.28 20.01
C ALA A 843 29.50 30.71 18.61
N LEU A 844 28.66 29.73 18.24
CA LEU A 844 28.66 29.24 16.86
C LEU A 844 27.94 30.22 15.94
N SER A 845 26.83 30.79 16.39
CA SER A 845 26.11 31.75 15.58
C SER A 845 26.91 33.02 15.34
N ALA A 846 27.81 33.37 16.26
CA ALA A 846 28.73 34.47 15.99
C ALA A 846 29.60 34.18 14.78
N LYS A 847 29.91 32.90 14.55
CA LYS A 847 30.73 32.48 13.41
C LYS A 847 29.89 32.25 12.15
N VAL A 848 28.68 31.69 12.30
CA VAL A 848 27.85 31.41 11.13
C VAL A 848 27.36 32.70 10.50
N PHE A 849 26.97 33.69 11.31
CA PHE A 849 26.67 35.01 10.79
C PHE A 849 27.92 35.80 10.42
N SER A 850 29.11 35.30 10.76
CA SER A 850 30.33 35.99 10.34
C SER A 850 30.73 35.56 8.93
N LEU A 851 30.41 34.33 8.53
CA LEU A 851 30.53 33.94 7.13
C LEU A 851 29.38 34.51 6.30
N LYS A 852 28.16 34.40 6.82
CA LYS A 852 26.99 34.99 6.17
C LYS A 852 27.18 36.46 5.84
N LEU A 853 28.16 37.13 6.47
CA LEU A 853 28.47 38.49 6.10
C LEU A 853 29.49 38.55 4.96
N PHE A 854 30.58 37.77 5.04
CA PHE A 854 31.60 37.82 4.00
C PHE A 854 31.03 37.35 2.66
N ALA A 855 30.12 36.38 2.69
CA ALA A 855 29.40 35.99 1.48
C ALA A 855 28.23 36.91 1.17
N ASN A 856 28.04 37.98 1.96
CA ASN A 856 27.14 39.07 1.59
C ASN A 856 27.89 40.29 1.09
N LYS A 857 29.18 40.39 1.36
CA LYS A 857 30.01 41.44 0.78
C LYS A 857 30.53 41.05 -0.60
N ILE A 858 30.68 39.75 -0.85
CA ILE A 858 31.01 39.27 -2.19
C ILE A 858 29.78 39.31 -3.08
N LYS A 859 28.63 38.85 -2.56
CA LYS A 859 27.43 38.74 -3.39
C LYS A 859 26.93 40.11 -3.83
N VAL A 860 27.22 41.17 -3.07
CA VAL A 860 26.77 42.50 -3.44
C VAL A 860 27.62 43.08 -4.57
N MET A 861 28.94 42.93 -4.50
CA MET A 861 29.82 43.43 -5.55
C MET A 861 29.88 42.46 -6.72
N ALA A 862 28.72 42.06 -7.24
CA ALA A 862 28.63 41.10 -8.33
C ALA A 862 29.25 41.64 -9.62
N MET A 870 39.18 48.22 -4.33
CA MET A 870 39.62 47.38 -3.22
C MET A 870 39.02 45.97 -3.34
N THR A 871 37.89 45.88 -4.04
CA THR A 871 36.99 44.75 -3.92
C THR A 871 37.54 43.44 -4.47
N HIS A 872 38.57 43.48 -5.32
CA HIS A 872 38.99 42.26 -6.00
C HIS A 872 39.93 41.39 -5.17
N ALA A 873 40.38 41.84 -4.00
CA ALA A 873 41.22 41.03 -3.15
C ALA A 873 40.60 40.69 -1.80
N PHE A 874 39.49 41.35 -1.42
CA PHE A 874 38.69 40.84 -0.31
C PHE A 874 37.87 39.63 -0.71
N THR A 875 37.56 39.49 -1.99
CA THR A 875 36.93 38.27 -2.49
C THR A 875 37.95 37.15 -2.69
N GLU A 876 39.17 37.49 -3.11
CA GLU A 876 40.21 36.49 -3.30
C GLU A 876 40.64 35.88 -1.98
N ARG A 877 40.48 36.61 -0.88
CA ARG A 877 40.89 36.15 0.45
C ARG A 877 39.80 35.34 1.15
N THR A 878 38.59 35.89 1.29
CA THR A 878 37.56 35.16 2.03
C THR A 878 36.99 34.00 1.23
N LEU A 879 37.23 33.94 -0.09
CA LEU A 879 36.93 32.71 -0.81
C LEU A 879 37.96 31.63 -0.49
N LYS A 880 39.23 32.02 -0.38
CA LYS A 880 40.24 31.08 0.12
C LYS A 880 39.99 30.69 1.57
N LEU A 881 39.19 31.46 2.31
CA LEU A 881 38.89 31.09 3.69
C LEU A 881 37.88 29.96 3.76
N PHE A 882 36.83 30.03 2.93
CA PHE A 882 35.81 28.98 2.97
C PHE A 882 36.41 27.61 2.67
N PHE A 883 37.35 27.55 1.72
CA PHE A 883 37.94 26.27 1.37
C PHE A 883 38.93 25.79 2.42
N TYR A 884 39.47 26.69 3.25
CA TYR A 884 40.23 26.26 4.41
C TYR A 884 39.33 25.81 5.56
N LEU A 885 38.03 26.12 5.50
CA LEU A 885 37.08 25.51 6.42
C LEU A 885 36.61 24.14 5.94
N VAL A 886 36.62 23.93 4.62
CA VAL A 886 36.18 22.66 4.06
C VAL A 886 37.31 21.62 4.11
N ALA A 887 38.55 22.05 3.89
CA ALA A 887 39.69 21.14 3.88
C ALA A 887 40.31 20.90 5.25
N SER A 888 39.95 21.71 6.26
CA SER A 888 40.36 21.47 7.64
C SER A 888 39.27 20.82 8.48
N GLY A 889 38.01 20.94 8.07
CA GLY A 889 36.91 20.36 8.82
C GLY A 889 36.28 21.30 9.82
N GLY A 890 36.35 22.61 9.59
CA GLY A 890 35.87 23.58 10.56
C GLY A 890 36.90 24.01 11.58
N GLU A 891 38.17 23.67 11.37
CA GLU A 891 39.24 23.93 12.33
C GLU A 891 40.13 25.04 11.74
N LEU A 892 39.85 26.29 12.12
CA LEU A 892 40.61 27.42 11.59
C LEU A 892 41.78 27.80 12.48
N VAL A 893 41.62 27.69 13.81
CA VAL A 893 42.73 27.99 14.70
C VAL A 893 43.86 27.02 14.41
N SER A 894 45.03 27.56 14.08
CA SER A 894 46.12 26.79 13.48
C SER A 894 46.56 25.63 14.37
N GLU A 895 47.26 24.68 13.74
CA GLU A 895 47.78 23.49 14.42
C GLU A 895 48.77 23.89 15.51
N SER A 896 48.32 24.74 16.43
CA SER A 896 49.22 25.39 17.37
C SER A 896 48.39 26.26 18.29
N ASN A 897 48.60 27.57 18.21
CA ASN A 897 48.02 28.54 19.15
C ASN A 897 48.34 28.06 20.57
N THR A 898 47.50 28.40 21.54
CA THR A 898 47.68 27.96 22.92
C THR A 898 46.32 28.00 23.61
N ASP A 899 45.77 29.21 23.77
CA ASP A 899 44.44 29.40 24.34
C ASP A 899 43.35 29.44 23.28
N ASN A 900 43.53 28.75 22.15
CA ASN A 900 42.58 28.81 21.05
C ASN A 900 42.41 27.51 20.28
N TYR A 901 43.18 26.47 20.57
CA TYR A 901 42.97 25.17 19.90
C TYR A 901 42.38 24.14 20.88
N PRO A 902 41.37 23.37 20.40
CA PRO A 902 40.73 23.45 19.08
C PRO A 902 39.36 24.10 19.09
N THR A 903 38.86 24.50 17.93
CA THR A 903 37.46 24.89 17.81
C THR A 903 36.59 23.68 18.16
N PRO A 904 35.54 23.85 18.96
CA PRO A 904 34.76 22.69 19.43
C PRO A 904 34.19 21.85 18.29
N ALA A 905 33.91 20.58 18.61
CA ALA A 905 33.47 19.63 17.59
C ALA A 905 32.03 19.84 17.17
N ASN A 906 31.15 20.25 18.09
CA ASN A 906 29.78 20.60 17.72
C ASN A 906 29.71 21.91 16.94
N TYR A 907 30.78 22.71 16.99
CA TYR A 907 30.87 23.93 16.19
C TYR A 907 31.36 23.63 14.78
N GLN A 908 32.29 22.68 14.65
CA GLN A 908 33.00 22.48 13.40
C GLN A 908 32.07 22.06 12.26
N ASN A 909 31.17 21.11 12.53
CA ASN A 909 30.37 20.52 11.44
C ASN A 909 29.48 21.56 10.75
N LYS A 910 28.73 22.34 11.54
CA LYS A 910 27.92 23.40 10.94
C LYS A 910 28.76 24.41 10.18
N LEU A 911 30.06 24.49 10.48
CA LEU A 911 30.97 25.37 9.76
C LEU A 911 31.39 24.75 8.43
N ARG A 912 31.75 23.46 8.44
CA ARG A 912 32.10 22.81 7.17
C ARG A 912 30.92 22.78 6.21
N CYS A 913 29.70 22.69 6.74
CA CYS A 913 28.52 22.84 5.91
C CYS A 913 28.39 24.29 5.43
N CYS A 914 28.38 25.24 6.38
CA CYS A 914 28.22 26.65 6.02
C CYS A 914 29.31 27.10 5.05
N ALA A 915 30.53 26.60 5.22
CA ALA A 915 31.57 26.89 4.24
C ALA A 915 31.18 26.35 2.87
N GLY A 916 30.68 25.12 2.83
CA GLY A 916 30.21 24.57 1.57
C GLY A 916 28.95 25.26 1.06
N LEU A 917 28.03 25.59 1.97
CA LEU A 917 26.78 26.22 1.56
C LEU A 917 27.03 27.59 0.93
N HIS A 918 27.89 28.40 1.54
CA HIS A 918 28.13 29.73 1.01
C HIS A 918 28.83 29.67 -0.34
N ILE A 919 29.57 28.60 -0.61
CA ILE A 919 30.23 28.45 -1.90
C ILE A 919 29.20 28.23 -3.00
N LEU A 920 28.32 27.24 -2.81
CA LEU A 920 27.35 26.87 -3.84
C LEU A 920 26.49 28.05 -4.28
N LYS A 921 26.12 28.93 -3.34
CA LYS A 921 25.38 30.15 -3.68
C LYS A 921 26.28 31.26 -4.21
N ILE A 922 27.59 31.04 -4.23
CA ILE A 922 28.53 32.02 -4.79
C ILE A 922 28.97 31.52 -6.16
N THR A 923 28.93 30.19 -6.37
CA THR A 923 29.27 29.65 -7.69
C THR A 923 28.25 30.06 -8.74
N LYS A 924 26.99 30.31 -8.34
CA LYS A 924 25.98 30.81 -9.26
C LYS A 924 26.35 32.16 -9.87
N ILE A 925 27.45 32.76 -9.41
CA ILE A 925 28.02 33.97 -9.99
C ILE A 925 29.28 33.57 -10.76
N ALA A 926 29.58 34.32 -11.83
CA ALA A 926 30.74 34.04 -12.70
C ALA A 926 32.08 34.22 -11.98
N PHE A 931 38.87 32.75 -10.06
CA PHE A 931 39.49 32.15 -8.89
C PHE A 931 38.45 31.28 -8.13
N ILE A 932 38.86 30.42 -7.20
CA ILE A 932 40.23 30.30 -6.69
C ILE A 932 41.10 29.39 -7.58
N LYS A 933 40.95 28.08 -7.42
CA LYS A 933 41.68 27.11 -8.25
C LYS A 933 41.01 25.75 -8.10
N PRO A 934 41.33 24.80 -9.00
CA PRO A 934 40.70 23.47 -8.89
C PRO A 934 41.08 22.70 -7.64
N GLN A 935 42.21 23.04 -7.00
CA GLN A 935 42.53 22.49 -5.69
C GLN A 935 41.39 22.72 -4.71
N ASP A 936 40.81 23.92 -4.74
CA ASP A 936 39.74 24.29 -3.82
C ASP A 936 38.41 23.63 -4.20
N ILE A 937 38.07 23.59 -5.49
CA ILE A 937 36.82 22.97 -5.91
C ILE A 937 36.84 21.46 -5.68
N SER A 938 38.03 20.85 -5.57
CA SER A 938 38.11 19.45 -5.17
C SER A 938 37.83 19.28 -3.67
N LYS A 939 38.32 20.22 -2.85
CA LYS A 939 38.19 20.14 -1.39
C LYS A 939 36.76 19.89 -0.92
N LEU A 940 35.76 20.26 -1.73
CA LEU A 940 34.34 20.02 -1.45
C LEU A 940 33.97 18.53 -1.54
N MET A 941 34.92 17.60 -1.74
CA MET A 941 34.63 16.19 -1.57
C MET A 941 34.46 15.84 -0.10
N ASN A 942 35.14 16.57 0.79
CA ASN A 942 35.11 16.26 2.22
C ASN A 942 33.68 16.24 2.75
N LEU A 943 32.85 17.19 2.33
CA LEU A 943 31.49 17.22 2.83
C LEU A 943 30.62 16.13 2.20
N VAL A 944 30.98 15.66 1.00
CA VAL A 944 30.20 14.66 0.30
C VAL A 944 30.29 13.29 0.97
N GLU A 945 31.36 13.06 1.75
CA GLU A 945 31.44 11.92 2.67
C GLU A 945 31.91 12.39 4.04
N ASP A 946 31.26 13.43 4.56
CA ASP A 946 31.60 13.90 5.89
C ASP A 946 31.06 12.91 6.93
N GLU A 947 31.59 13.03 8.15
CA GLU A 947 31.32 12.02 9.17
C GLU A 947 29.98 12.21 9.86
N SER A 948 29.42 13.42 9.83
CA SER A 948 28.04 13.59 10.25
C SER A 948 27.12 13.32 9.06
N LEU A 949 25.96 12.73 9.34
CA LEU A 949 24.96 12.58 8.29
C LEU A 949 24.37 13.93 7.91
N GLU A 950 24.30 14.86 8.87
CA GLU A 950 23.63 16.13 8.65
C GLU A 950 24.36 16.97 7.61
N VAL A 951 25.68 16.81 7.47
CA VAL A 951 26.44 17.56 6.48
C VAL A 951 26.44 16.89 5.11
N ARG A 952 26.47 15.55 5.03
CA ARG A 952 26.30 14.91 3.73
C ARG A 952 24.91 15.23 3.15
N SER A 953 23.87 14.98 3.94
CA SER A 953 22.50 15.15 3.45
C SER A 953 22.24 16.58 3.00
N SER A 954 22.79 17.55 3.73
CA SER A 954 22.52 18.97 3.43
C SER A 954 23.29 19.40 2.18
N PHE A 955 24.62 19.24 2.20
CA PHE A 955 25.43 19.58 1.02
C PHE A 955 24.92 18.86 -0.22
N ILE A 956 24.79 17.53 -0.16
CA ILE A 956 24.36 16.77 -1.33
C ILE A 956 22.96 17.20 -1.74
N GLY A 957 22.18 17.73 -0.81
CA GLY A 957 20.95 18.40 -1.15
C GLY A 957 21.20 19.64 -1.99
N ARG A 958 21.63 20.73 -1.34
CA ARG A 958 21.87 22.03 -1.98
C ARG A 958 22.68 21.90 -3.27
N LEU A 959 23.60 20.93 -3.32
CA LEU A 959 24.39 20.74 -4.54
C LEU A 959 23.54 20.16 -5.66
N LYS A 960 22.82 19.07 -5.39
CA LYS A 960 21.99 18.45 -6.41
C LYS A 960 20.92 19.42 -6.92
N ASP A 961 20.42 20.29 -6.04
CA ASP A 961 19.42 21.26 -6.48
C ASP A 961 20.01 22.28 -7.45
N PHE A 962 21.28 22.65 -7.26
CA PHE A 962 21.90 23.61 -8.17
C PHE A 962 22.31 22.97 -9.48
N LEU A 963 22.76 21.70 -9.44
CA LEU A 963 23.12 20.99 -10.67
C LEU A 963 21.90 20.70 -11.53
N GLY A 964 20.73 20.50 -10.91
CA GLY A 964 19.56 20.10 -11.66
C GLY A 964 19.14 21.14 -12.68
N ASP A 965 19.08 22.41 -12.26
CA ASP A 965 18.52 23.48 -13.07
C ASP A 965 19.57 24.31 -13.80
N GLY A 966 20.83 23.90 -13.76
CA GLY A 966 21.87 24.66 -14.44
C GLY A 966 22.39 25.86 -13.68
N SER A 967 22.18 25.91 -12.37
CA SER A 967 22.61 27.06 -11.56
C SER A 967 24.11 27.21 -11.55
N ILE A 968 24.82 26.16 -11.15
CA ILE A 968 26.27 26.22 -10.96
C ILE A 968 26.97 25.39 -12.04
N SER A 969 28.28 25.60 -12.16
CA SER A 969 29.08 25.08 -13.26
C SER A 969 29.00 23.56 -13.37
N ILE A 970 29.31 23.07 -14.57
CA ILE A 970 29.52 21.64 -14.80
C ILE A 970 30.70 21.14 -13.97
N LYS A 971 31.58 22.06 -13.55
CA LYS A 971 32.73 21.74 -12.70
C LYS A 971 32.36 20.89 -11.50
N PHE A 972 31.11 20.92 -11.06
CA PHE A 972 30.67 20.25 -9.85
C PHE A 972 29.89 18.97 -10.13
N LEU A 973 29.81 18.53 -11.39
CA LEU A 973 29.01 17.39 -11.77
C LEU A 973 29.66 16.06 -11.38
N PRO A 974 30.97 15.88 -11.54
CA PRO A 974 31.60 14.66 -11.00
C PRO A 974 31.49 14.55 -9.49
N LEU A 975 31.40 15.69 -8.79
CA LEU A 975 31.37 15.69 -7.33
C LEU A 975 30.29 14.76 -6.79
N VAL A 976 29.21 14.53 -7.54
CA VAL A 976 28.07 13.80 -6.98
C VAL A 976 28.32 12.30 -6.90
N PHE A 977 29.25 11.76 -7.68
CA PHE A 977 29.46 10.31 -7.69
C PHE A 977 30.22 9.82 -6.47
N PHE A 978 30.82 10.72 -5.69
CA PHE A 978 31.50 10.32 -4.46
C PHE A 978 30.50 10.16 -3.32
N THR A 979 29.25 9.82 -3.65
CA THR A 979 28.26 9.36 -2.70
C THR A 979 27.96 7.89 -2.95
N ALA A 980 28.97 7.13 -3.37
CA ALA A 980 28.80 5.70 -3.61
C ALA A 980 28.74 4.94 -2.30
N TYR A 981 29.62 5.30 -1.34
CA TYR A 981 29.66 4.67 -0.03
C TYR A 981 28.67 5.27 0.98
N GLU A 982 27.64 5.97 0.49
CA GLU A 982 26.68 6.58 1.40
C GLU A 982 26.02 5.51 2.27
N PRO A 983 26.05 5.66 3.60
CA PRO A 983 25.35 4.68 4.45
C PRO A 983 23.84 4.78 4.31
N ASP A 984 23.30 5.99 4.53
CA ASP A 984 21.87 6.19 4.69
C ASP A 984 21.10 5.83 3.42
N GLN A 985 20.36 4.71 3.48
CA GLN A 985 19.50 4.32 2.38
C GLN A 985 18.63 5.47 1.91
N ALA A 986 18.05 6.21 2.86
CA ALA A 986 17.05 7.21 2.49
C ALA A 986 17.67 8.38 1.76
N LEU A 987 18.96 8.63 1.96
CA LEU A 987 19.67 9.67 1.21
C LEU A 987 20.44 9.10 0.03
N ARG A 988 20.70 7.79 0.04
CA ARG A 988 21.46 7.14 -1.02
C ARG A 988 20.58 6.80 -2.22
N THR A 989 19.44 6.14 -1.98
CA THR A 989 18.47 5.95 -3.05
C THR A 989 17.86 7.28 -3.50
N SER A 990 17.82 8.26 -2.60
CA SER A 990 17.42 9.62 -2.99
C SER A 990 18.36 10.16 -4.06
N THR A 991 19.67 10.01 -3.86
CA THR A 991 20.64 10.51 -4.83
C THR A 991 20.62 9.71 -6.12
N LYS A 992 20.30 8.41 -6.04
CA LYS A 992 20.21 7.57 -7.23
C LYS A 992 19.13 8.09 -8.18
N MET A 993 17.91 8.26 -7.67
CA MET A 993 16.83 8.83 -8.45
C MET A 993 17.26 10.11 -9.15
N TRP A 994 18.14 10.88 -8.51
CA TRP A 994 18.61 12.13 -9.12
C TRP A 994 19.37 11.86 -10.40
N ILE A 995 20.33 10.93 -10.36
CA ILE A 995 21.19 10.72 -11.53
C ILE A 995 20.42 10.07 -12.67
N ASN A 996 19.56 9.10 -12.35
CA ASN A 996 18.78 8.46 -13.41
C ASN A 996 17.83 9.46 -14.06
N TYR A 997 17.33 10.43 -13.29
CA TYR A 997 16.46 11.45 -13.84
C TYR A 997 17.25 12.52 -14.60
N THR A 998 18.27 13.09 -13.95
CA THR A 998 19.03 14.18 -14.57
C THR A 998 19.71 13.73 -15.87
N LEU A 999 20.09 12.45 -15.94
CA LEU A 999 20.68 11.90 -17.16
C LEU A 999 19.72 11.92 -18.34
N SER A 1000 18.42 12.04 -18.08
CA SER A 1000 17.40 11.89 -19.10
C SER A 1000 16.87 13.20 -19.66
N LYS A 1001 16.94 14.30 -18.90
CA LYS A 1001 16.45 15.57 -19.40
C LYS A 1001 17.26 16.02 -20.62
N GLU A 1002 16.65 16.90 -21.43
CA GLU A 1002 17.07 17.05 -22.82
C GLU A 1002 18.37 17.85 -22.95
N ASN A 1003 18.47 19.02 -22.32
CA ASN A 1003 19.71 19.78 -22.41
C ASN A 1003 20.86 19.10 -21.67
N PHE A 1004 20.54 18.14 -20.79
CA PHE A 1004 21.56 17.36 -20.08
C PHE A 1004 21.99 16.11 -20.83
N ARG A 1005 21.16 15.60 -21.74
CA ARG A 1005 21.52 14.47 -22.60
C ARG A 1005 22.05 14.91 -23.96
N LYS A 1006 21.49 15.96 -24.55
CA LYS A 1006 21.85 16.43 -25.89
C LYS A 1006 23.14 17.25 -25.91
N GLY A 1007 23.92 17.20 -24.85
CA GLY A 1007 25.22 17.86 -24.82
C GLY A 1007 26.26 16.94 -24.24
N THR A 1008 25.86 15.68 -24.04
CA THR A 1008 26.67 14.67 -23.33
C THR A 1008 27.28 15.27 -22.07
N PHE A 1009 26.41 15.88 -21.24
CA PHE A 1009 26.88 16.61 -20.07
C PHE A 1009 27.35 15.66 -18.96
N PHE A 1010 26.75 14.47 -18.87
CA PHE A 1010 27.21 13.48 -17.90
C PHE A 1010 28.41 12.69 -18.40
N GLU A 1011 28.49 12.46 -19.71
CA GLU A 1011 29.54 11.62 -20.31
C GLU A 1011 30.83 12.39 -20.60
N ARG A 1012 30.74 13.66 -21.00
CA ARG A 1012 31.92 14.51 -21.03
C ARG A 1012 32.51 14.74 -19.65
N ALA A 1013 31.71 14.62 -18.59
CA ALA A 1013 32.16 14.84 -17.22
C ALA A 1013 32.90 13.63 -16.64
N LEU A 1014 33.45 12.73 -17.48
CA LEU A 1014 34.20 11.57 -16.99
C LEU A 1014 35.66 11.90 -16.68
N PRO A 1015 36.38 12.60 -17.57
CA PRO A 1015 37.76 12.99 -17.21
C PRO A 1015 37.84 13.78 -15.91
N ARG A 1016 36.90 14.72 -15.69
CA ARG A 1016 36.88 15.46 -14.44
C ARG A 1016 36.62 14.57 -13.23
N LEU A 1017 36.00 13.40 -13.44
CA LEU A 1017 35.89 12.42 -12.37
C LEU A 1017 37.18 11.62 -12.22
N ILE A 1018 37.81 11.26 -13.34
CA ILE A 1018 39.07 10.52 -13.30
C ILE A 1018 40.10 11.31 -12.49
N HIS A 1019 40.07 12.64 -12.59
CA HIS A 1019 41.00 13.46 -11.82
C HIS A 1019 40.53 13.64 -10.38
N PHE A 1020 39.24 13.95 -10.18
CA PHE A 1020 38.74 14.18 -8.83
C PHE A 1020 39.02 12.99 -7.93
N ILE A 1021 39.05 11.78 -8.48
CA ILE A 1021 39.36 10.60 -7.69
C ILE A 1021 40.88 10.38 -7.59
N ALA A 1022 41.64 10.72 -8.63
CA ALA A 1022 43.08 10.57 -8.63
C ALA A 1022 43.78 11.53 -7.68
N HIS A 1023 43.04 12.45 -7.07
CA HIS A 1023 43.55 13.26 -5.98
C HIS A 1023 42.83 13.02 -4.67
N HIS A 1024 41.81 12.15 -4.67
CA HIS A 1024 41.15 11.73 -3.44
C HIS A 1024 42.20 11.22 -2.45
N PRO A 1025 42.33 11.85 -1.27
CA PRO A 1025 43.39 11.42 -0.33
C PRO A 1025 43.39 9.94 0.00
N ASP A 1026 42.23 9.28 0.01
CA ASP A 1026 42.17 7.85 0.25
C ASP A 1026 42.57 7.03 -0.97
N VAL A 1027 43.00 7.67 -2.07
CA VAL A 1027 43.64 7.00 -3.18
C VAL A 1027 45.09 7.45 -3.36
N ALA A 1028 45.36 8.75 -3.18
CA ALA A 1028 46.69 9.30 -3.38
C ALA A 1028 47.73 8.62 -2.49
N GLU A 1029 47.52 8.67 -1.17
CA GLU A 1029 48.41 7.96 -0.26
C GLU A 1029 48.23 6.46 -0.31
N GLY A 1030 47.32 5.97 -1.16
CA GLY A 1030 47.23 4.56 -1.43
C GLY A 1030 48.05 4.17 -2.64
N LEU A 1031 47.84 4.85 -3.77
CA LEU A 1031 48.57 4.50 -4.99
C LEU A 1031 49.91 5.23 -4.97
N ARG A 1032 50.41 5.49 -3.78
CA ARG A 1032 51.78 5.93 -3.52
C ARG A 1032 52.61 4.87 -2.81
N LEU A 1033 52.03 4.17 -1.84
CA LEU A 1033 52.75 3.20 -1.01
C LEU A 1033 53.16 1.95 -1.77
N LEU A 1039 49.72 -0.63 -2.33
CA LEU A 1039 49.02 -0.04 -3.47
C LEU A 1039 47.61 -0.56 -3.66
N THR A 1040 47.08 -1.31 -2.69
CA THR A 1040 45.69 -1.74 -2.75
C THR A 1040 44.75 -0.68 -2.18
N GLY A 1041 45.25 0.55 -1.97
CA GLY A 1041 44.38 1.69 -1.81
C GLY A 1041 43.60 2.02 -3.06
N LEU A 1042 44.07 1.55 -4.22
CA LEU A 1042 43.32 1.63 -5.47
C LEU A 1042 42.04 0.79 -5.43
N THR A 1043 41.89 -0.10 -4.43
CA THR A 1043 40.67 -0.92 -4.36
C THR A 1043 39.43 -0.05 -4.17
N THR A 1044 39.55 1.09 -3.48
CA THR A 1044 38.42 2.00 -3.35
C THR A 1044 38.24 2.83 -4.61
N ALA A 1045 39.32 3.08 -5.35
CA ALA A 1045 39.26 3.84 -6.60
C ALA A 1045 38.53 3.10 -7.71
N ILE A 1046 38.18 1.83 -7.51
CA ILE A 1046 37.37 1.10 -8.49
C ILE A 1046 35.89 1.09 -8.13
N ASP A 1047 35.53 1.30 -6.85
CA ASP A 1047 34.13 1.43 -6.48
C ASP A 1047 33.52 2.70 -7.05
N TYR A 1048 34.29 3.79 -7.06
CA TYR A 1048 33.79 5.04 -7.65
C TYR A 1048 33.60 4.92 -9.15
N LEU A 1049 34.48 4.16 -9.82
CA LEU A 1049 34.43 4.07 -11.27
C LEU A 1049 33.32 3.16 -11.75
N VAL A 1050 33.11 2.02 -11.08
CA VAL A 1050 31.98 1.18 -11.43
C VAL A 1050 30.66 1.81 -10.99
N PHE A 1051 30.69 2.65 -9.95
CA PHE A 1051 29.48 3.38 -9.57
C PHE A 1051 29.09 4.38 -10.65
N TYR A 1052 30.08 5.06 -11.24
CA TYR A 1052 29.81 5.88 -12.42
C TYR A 1052 29.38 5.03 -13.60
N ALA A 1053 29.93 3.82 -13.71
CA ALA A 1053 29.57 2.94 -14.82
C ALA A 1053 28.08 2.59 -14.79
N ASP A 1054 27.52 2.32 -13.61
CA ASP A 1054 26.13 1.90 -13.54
C ASP A 1054 25.18 3.00 -14.00
N SER A 1055 25.50 4.25 -13.68
CA SER A 1055 24.60 5.35 -14.01
C SER A 1055 24.58 5.62 -15.51
N VAL A 1056 25.73 5.57 -16.17
CA VAL A 1056 25.86 5.91 -17.57
C VAL A 1056 25.84 4.62 -18.40
N LEU A 1057 24.96 4.57 -19.40
CA LEU A 1057 24.47 3.32 -20.00
C LEU A 1057 25.56 2.62 -20.82
N LYS A 1058 25.11 1.64 -21.61
CA LYS A 1058 25.94 0.79 -22.45
C LYS A 1058 25.70 1.00 -23.94
N ALA A 1059 24.48 1.35 -24.35
CA ALA A 1059 24.09 1.45 -25.75
C ALA A 1059 25.11 2.29 -26.55
N SER A 1060 25.10 3.60 -26.34
CA SER A 1060 26.01 4.49 -27.06
C SER A 1060 27.01 5.20 -26.15
N ASN A 1061 27.03 4.87 -24.86
CA ASN A 1061 27.85 5.64 -23.92
C ASN A 1061 29.30 5.17 -23.92
N LEU A 1062 29.53 3.85 -23.85
CA LEU A 1062 30.89 3.33 -23.80
C LEU A 1062 31.74 3.80 -24.98
N ALA A 1063 31.11 4.21 -26.10
CA ALA A 1063 31.86 4.80 -27.19
C ALA A 1063 32.48 6.13 -26.77
N LEU A 1064 31.76 6.93 -26.01
CA LEU A 1064 32.26 8.24 -25.56
C LEU A 1064 33.09 8.15 -24.29
N LEU A 1065 32.81 7.20 -23.40
CA LEU A 1065 33.58 7.11 -22.16
C LEU A 1065 35.00 6.62 -22.43
N TYR A 1066 35.17 5.68 -23.37
CA TYR A 1066 36.50 5.16 -23.67
C TYR A 1066 37.22 5.98 -24.73
N TYR A 1067 36.49 6.65 -25.63
CA TYR A 1067 37.02 7.76 -26.41
C TYR A 1067 37.86 8.65 -25.50
N LEU A 1068 37.34 8.87 -24.28
CA LEU A 1068 37.91 9.75 -23.28
C LEU A 1068 38.89 9.00 -22.36
N ALA A 1069 38.41 7.95 -21.67
CA ALA A 1069 39.13 7.32 -20.58
C ALA A 1069 40.50 6.76 -20.99
N GLY A 1070 40.89 6.97 -22.25
CA GLY A 1070 42.25 6.69 -22.68
C GLY A 1070 43.04 7.97 -22.82
N ARG A 1071 42.37 9.04 -23.26
CA ARG A 1071 43.02 10.34 -23.41
C ARG A 1071 43.50 10.92 -22.08
N VAL A 1072 43.05 10.36 -20.96
CA VAL A 1072 43.27 10.91 -19.62
C VAL A 1072 44.71 10.73 -19.16
N ARG A 1073 45.57 10.20 -20.03
CA ARG A 1073 46.98 9.97 -19.74
C ARG A 1073 47.88 10.87 -20.58
N GLN A 1074 47.48 12.14 -20.77
CA GLN A 1074 48.18 12.98 -21.74
C GLN A 1074 48.48 14.41 -21.26
N TYR A 1075 48.49 14.66 -19.95
CA TYR A 1075 49.00 15.95 -19.42
C TYR A 1075 49.67 15.76 -18.05
N UNK A 1076 42.50 -6.40 -10.70
CA UNK A 1076 42.38 -7.74 -11.25
C UNK A 1076 40.97 -8.30 -11.07
N UNK A 1077 40.34 -7.92 -9.95
CA UNK A 1077 39.01 -8.41 -9.62
C UNK A 1077 37.98 -7.27 -9.58
N UNK A 1078 37.90 -6.52 -10.67
CA UNK A 1078 36.92 -5.43 -10.79
C UNK A 1078 35.65 -5.92 -11.48
N UNK A 1079 35.76 -7.04 -12.20
CA UNK A 1079 34.60 -7.71 -12.77
C UNK A 1079 34.03 -8.65 -11.71
N UNK A 1080 34.79 -8.78 -10.62
CA UNK A 1080 34.35 -9.53 -9.46
C UNK A 1080 33.45 -8.64 -8.61
N UNK A 1081 33.95 -7.44 -8.32
CA UNK A 1081 33.21 -6.46 -7.54
C UNK A 1081 31.99 -5.93 -8.31
N UNK A 1082 31.98 -6.11 -9.63
CA UNK A 1082 30.93 -5.58 -10.49
C UNK A 1082 29.80 -6.58 -10.77
N UNK A 1083 30.11 -7.87 -10.67
CA UNK A 1083 29.10 -8.91 -10.89
C UNK A 1083 28.07 -8.89 -9.75
N UNK A 1084 28.39 -8.17 -8.68
CA UNK A 1084 27.48 -8.01 -7.55
C UNK A 1084 26.59 -6.78 -7.75
N UNK A 1085 51.76 12.98 -11.76
CA UNK A 1085 51.94 11.91 -10.78
C UNK A 1085 50.82 10.85 -10.88
N UNK A 1086 49.99 10.79 -9.84
CA UNK A 1086 49.04 9.70 -9.64
C UNK A 1086 47.80 9.70 -10.55
N UNK A 1087 47.69 10.69 -11.43
CA UNK A 1087 46.47 10.88 -12.23
C UNK A 1087 46.45 10.12 -13.56
N UNK A 1088 47.45 9.28 -13.80
CA UNK A 1088 47.49 8.46 -15.01
C UNK A 1088 47.20 7.01 -14.65
N UNK A 1089 47.52 6.63 -13.42
CA UNK A 1089 47.24 5.29 -12.93
C UNK A 1089 45.75 5.11 -12.63
N UNK A 1090 45.14 6.10 -11.99
CA UNK A 1090 43.69 6.11 -11.75
C UNK A 1090 42.96 6.36 -13.08
N UNK A 1091 43.73 6.77 -14.08
CA UNK A 1091 43.23 6.99 -15.44
C UNK A 1091 43.14 5.67 -16.21
N UNK A 1092 43.99 4.73 -15.84
CA UNK A 1092 44.00 3.40 -16.44
C UNK A 1092 42.92 2.50 -15.83
N UNK A 1093 42.84 2.52 -14.50
CA UNK A 1093 41.86 1.71 -13.75
C UNK A 1093 40.42 2.05 -14.14
N UNK A 1094 40.25 3.22 -14.76
CA UNK A 1094 38.96 3.70 -15.24
C UNK A 1094 38.61 3.07 -16.58
N UNK A 1095 39.60 3.07 -17.46
CA UNK A 1095 39.49 2.39 -18.75
C UNK A 1095 39.09 0.94 -18.51
N UNK A 1096 39.63 0.37 -17.44
CA UNK A 1096 39.38 -1.01 -17.05
C UNK A 1096 37.93 -1.27 -16.61
N UNK A 1097 37.45 -0.50 -15.64
CA UNK A 1097 36.13 -0.72 -15.02
C UNK A 1097 34.95 -0.69 -16.00
N UNK A 1098 35.23 -0.41 -17.27
CA UNK A 1098 34.20 -0.40 -18.31
C UNK A 1098 34.33 -1.62 -19.22
N SER B 5 9.83 -6.37 -5.40
CA SER B 5 10.51 -5.34 -6.18
C SER B 5 10.06 -5.30 -7.64
N GLN B 6 9.98 -6.48 -8.30
CA GLN B 6 9.59 -6.55 -9.70
C GLN B 6 8.10 -6.27 -9.91
N TYR B 7 7.27 -6.57 -8.91
CA TYR B 7 5.84 -6.28 -9.02
C TYR B 7 5.50 -4.85 -8.64
N LEU B 8 6.40 -4.15 -7.95
CA LEU B 8 6.14 -2.79 -7.51
C LEU B 8 6.79 -1.80 -8.47
N LEU B 9 6.15 -0.65 -8.63
CA LEU B 9 6.68 0.46 -9.42
C LEU B 9 7.42 1.42 -8.49
N GLN B 10 8.68 1.70 -8.81
CA GLN B 10 9.48 2.64 -8.04
C GLN B 10 9.05 4.07 -8.36
N ASP B 11 9.94 5.04 -8.18
CA ASP B 11 9.64 6.43 -8.49
C ASP B 11 10.25 6.81 -9.84
N ALA B 12 10.09 8.07 -10.23
CA ALA B 12 10.66 8.60 -11.46
C ALA B 12 10.63 10.12 -11.46
N VAL B 13 10.61 10.73 -10.26
CA VAL B 13 10.70 12.17 -10.09
C VAL B 13 11.38 12.43 -8.75
N THR B 14 11.97 13.61 -8.60
CA THR B 14 12.81 13.90 -7.45
C THR B 14 11.96 14.19 -6.22
N GLU B 15 12.16 15.36 -5.61
CA GLU B 15 11.20 15.94 -4.67
C GLU B 15 10.94 17.41 -4.97
N ARG B 16 11.73 18.03 -5.83
CA ARG B 16 11.55 19.39 -6.29
C ARG B 16 10.76 19.45 -7.59
N GLU B 17 10.45 18.31 -8.18
CA GLU B 17 9.84 18.23 -9.50
C GLU B 17 8.50 17.50 -9.48
N VAL B 18 7.92 17.29 -8.30
CA VAL B 18 6.80 16.37 -8.10
C VAL B 18 5.63 16.67 -9.02
N LEU B 19 4.87 17.72 -8.70
CA LEU B 19 3.71 18.10 -9.49
C LEU B 19 3.98 19.29 -10.39
N LEU B 20 5.25 19.63 -10.58
CA LEU B 20 5.65 20.67 -11.52
C LEU B 20 5.79 20.16 -12.95
N VAL B 21 6.00 18.86 -13.12
CA VAL B 21 5.96 18.21 -14.43
C VAL B 21 4.63 18.47 -15.11
#